data_2RJC
#
_entry.id   2RJC
#
_cell.length_a   63.548
_cell.length_b   108.784
_cell.length_c   90.348
_cell.angle_alpha   90.00
_cell.angle_beta   90.91
_cell.angle_gamma   90.00
#
_symmetry.space_group_name_H-M   'P 1 21 1'
#
loop_
_entity.id
_entity.type
_entity.pdbx_description
1 polymer 'Lethal(3)malignant brain tumor-like protein'
2 non-polymer 'SULFATE ION'
3 non-polymer '2-(N-MORPHOLINO)-ETHANESULFONIC ACID'
4 water water
#
_entity_poly.entity_id   1
_entity_poly.type   'polypeptide(L)'
_entity_poly.pdbx_seq_one_letter_code
;GEKKECWSWESYLEEQKAITAPVSLFQDSQAVTHNKNGFKLGMKLEGIDPQHPSMYFILTVAEVCGYRLRLHFDGYSECH
DFWVNANSPDIHPAGWFEKTGHKLQPPKGYKEEEFSWSQYLRSTRAQAAPKHLFVSQSHSPPPLGFQVGMKLEAVDRMNP
SLVCVASVTDVVDSRFLVHFDNWDDTYDYWCDPSSPYIHPVGWCQKQGKPLTPPQDYPDPDNFCWEKYLEETGASAVPTW
AFKVRPPHSFLVNMKLEAVDRRNPALIRVASVEDVEDHRIKIHFDGWSHGYDFWIDADHPDIHPAGWCSKTGHPLQPPLG
PREPSSASPGG
;
_entity_poly.pdbx_strand_id   A,B,C
#
loop_
_chem_comp.id
_chem_comp.type
_chem_comp.name
_chem_comp.formula
MES non-polymer '2-(N-MORPHOLINO)-ETHANESULFONIC ACID' 'C6 H13 N O4 S'
SO4 non-polymer 'SULFATE ION' 'O4 S -2'
#
# COMPACT_ATOMS: atom_id res chain seq x y z
N TRP A 7 34.77 -24.70 -21.43
CA TRP A 7 33.28 -24.62 -21.69
C TRP A 7 32.79 -23.17 -21.74
N SER A 8 32.08 -22.82 -22.81
CA SER A 8 31.35 -21.56 -22.85
C SER A 8 29.97 -21.68 -23.50
N TRP A 9 29.07 -20.76 -23.14
CA TRP A 9 27.74 -20.67 -23.71
C TRP A 9 27.86 -20.33 -25.20
N GLU A 10 28.74 -19.38 -25.51
CA GLU A 10 28.97 -18.82 -26.87
C GLU A 10 29.24 -19.92 -27.92
N SER A 11 30.11 -20.86 -27.55
CA SER A 11 30.42 -21.97 -28.41
C SER A 11 29.48 -23.17 -28.25
N TYR A 12 28.77 -23.29 -27.12
CA TYR A 12 27.78 -24.38 -26.97
C TYR A 12 26.66 -24.15 -27.97
N LEU A 13 26.27 -22.89 -28.10
CA LEU A 13 25.21 -22.47 -28.99
C LEU A 13 25.59 -22.69 -30.47
N GLU A 14 26.88 -22.54 -30.79
CA GLU A 14 27.44 -22.94 -32.07
C GLU A 14 27.25 -24.44 -32.36
N GLU A 15 27.73 -25.32 -31.46
CA GLU A 15 27.54 -26.78 -31.67
C GLU A 15 26.11 -27.24 -31.82
N GLN A 16 25.24 -26.69 -30.97
CA GLN A 16 23.87 -27.14 -30.86
C GLN A 16 22.93 -26.46 -31.85
N LYS A 17 23.43 -25.42 -32.53
CA LYS A 17 22.64 -24.56 -33.42
C LYS A 17 21.43 -24.02 -32.67
N ALA A 18 21.73 -23.38 -31.53
CA ALA A 18 20.70 -22.96 -30.62
C ALA A 18 20.82 -21.50 -30.17
N ILE A 19 19.75 -21.03 -29.55
CA ILE A 19 19.68 -19.72 -28.94
C ILE A 19 19.35 -19.90 -27.42
N THR A 20 19.76 -18.91 -26.65
CA THR A 20 19.35 -18.76 -25.26
C THR A 20 18.11 -17.86 -25.14
N ALA A 21 17.28 -18.10 -24.11
CA ALA A 21 16.16 -17.19 -23.81
C ALA A 21 16.71 -15.80 -23.52
N PRO A 22 16.27 -14.75 -24.27
CA PRO A 22 16.78 -13.42 -23.93
C PRO A 22 16.54 -12.99 -22.47
N VAL A 23 17.44 -12.18 -21.92
CA VAL A 23 17.34 -11.60 -20.56
C VAL A 23 15.98 -10.93 -20.31
N SER A 24 15.49 -10.21 -21.32
CA SER A 24 14.18 -9.54 -21.26
C SER A 24 12.98 -10.45 -20.94
N LEU A 25 13.11 -11.76 -21.22
CA LEU A 25 12.03 -12.72 -20.95
C LEU A 25 11.82 -13.00 -19.44
N PHE A 26 12.85 -12.70 -18.66
CA PHE A 26 12.96 -12.97 -17.22
C PHE A 26 12.46 -11.79 -16.38
N GLN A 27 12.12 -12.07 -15.11
CA GLN A 27 11.86 -11.02 -14.14
C GLN A 27 13.20 -10.37 -13.76
N ASP A 28 13.19 -9.09 -13.44
CA ASP A 28 14.41 -8.37 -13.03
C ASP A 28 15.18 -9.14 -11.91
N SER A 29 14.45 -9.70 -10.93
CA SER A 29 15.02 -10.42 -9.78
C SER A 29 15.74 -11.71 -10.20
N GLN A 30 15.24 -12.38 -11.25
CA GLN A 30 15.87 -13.60 -11.84
C GLN A 30 17.15 -13.27 -12.62
N ALA A 31 17.18 -12.10 -13.22
CA ALA A 31 18.30 -11.68 -14.09
C ALA A 31 19.48 -11.01 -13.41
N VAL A 32 19.22 -10.27 -12.35
CA VAL A 32 20.27 -9.34 -11.82
C VAL A 32 21.58 -10.04 -11.34
N THR A 33 22.69 -9.63 -11.95
CA THR A 33 24.02 -10.20 -11.65
C THR A 33 24.97 -9.22 -10.94
N HIS A 34 24.58 -7.96 -10.90
CA HIS A 34 25.54 -6.94 -10.47
C HIS A 34 25.51 -6.61 -8.99
N ASN A 35 24.56 -7.19 -8.22
CA ASN A 35 24.52 -7.00 -6.77
C ASN A 35 25.50 -7.92 -6.11
N LYS A 36 26.23 -7.42 -5.13
CA LYS A 36 27.11 -8.27 -4.35
C LYS A 36 26.29 -9.08 -3.33
N ASN A 37 26.80 -10.26 -3.03
CA ASN A 37 26.27 -11.09 -1.97
C ASN A 37 27.01 -10.71 -0.67
N GLY A 38 26.38 -9.91 0.19
CA GLY A 38 26.96 -9.52 1.50
C GLY A 38 26.81 -10.53 2.62
N PHE A 39 26.07 -11.61 2.39
CA PHE A 39 25.96 -12.69 3.39
C PHE A 39 27.31 -13.41 3.68
N LYS A 40 27.64 -13.57 4.98
CA LYS A 40 28.85 -14.20 5.38
C LYS A 40 28.52 -15.42 6.22
N LEU A 41 29.32 -16.48 6.08
CA LEU A 41 29.25 -17.65 6.97
C LEU A 41 29.01 -17.31 8.45
N GLY A 42 28.00 -17.96 9.06
CA GLY A 42 27.77 -17.82 10.49
C GLY A 42 26.81 -16.69 10.85
N MET A 43 26.44 -15.85 9.88
CA MET A 43 25.53 -14.73 10.14
C MET A 43 24.13 -15.30 10.48
N LYS A 44 23.44 -14.72 11.45
CA LYS A 44 22.09 -15.19 11.83
C LYS A 44 20.99 -14.21 11.36
N LEU A 45 19.80 -14.75 11.17
CA LEU A 45 18.71 -14.03 10.54
C LEU A 45 17.40 -14.87 10.73
N GLU A 46 16.31 -14.44 10.10
CA GLU A 46 15.01 -15.09 10.23
C GLU A 46 14.51 -15.43 8.86
N GLY A 47 13.64 -16.43 8.76
CA GLY A 47 13.11 -16.74 7.44
C GLY A 47 12.05 -17.81 7.50
N ILE A 48 11.30 -17.93 6.42
CA ILE A 48 10.24 -18.93 6.35
C ILE A 48 10.83 -20.33 6.14
N ASP A 49 10.12 -21.35 6.60
CA ASP A 49 10.44 -22.72 6.27
C ASP A 49 9.83 -23.00 4.87
N PRO A 50 10.67 -23.34 3.87
CA PRO A 50 10.07 -23.57 2.54
C PRO A 50 8.93 -24.64 2.51
N GLN A 51 8.96 -25.58 3.46
CA GLN A 51 8.01 -26.69 3.66
C GLN A 51 6.75 -26.30 4.47
N HIS A 52 6.88 -25.25 5.29
CA HIS A 52 5.80 -24.61 6.10
C HIS A 52 5.84 -23.09 5.95
N PRO A 53 5.39 -22.59 4.80
CA PRO A 53 5.66 -21.19 4.37
C PRO A 53 4.92 -20.15 5.18
N SER A 54 4.06 -20.58 6.10
CA SER A 54 3.50 -19.61 7.07
C SER A 54 4.40 -19.46 8.29
N MET A 55 5.43 -20.28 8.45
CA MET A 55 6.20 -20.31 9.69
C MET A 55 7.60 -19.71 9.58
N TYR A 56 8.04 -19.02 10.66
CA TYR A 56 9.31 -18.30 10.78
C TYR A 56 10.26 -18.90 11.84
N PHE A 57 11.52 -19.03 11.43
CA PHE A 57 12.56 -19.73 12.17
C PHE A 57 13.78 -18.88 12.22
N ILE A 58 14.58 -19.09 13.28
CA ILE A 58 15.96 -18.61 13.30
C ILE A 58 16.86 -19.42 12.35
N LEU A 59 17.57 -18.71 11.47
CA LEU A 59 18.39 -19.37 10.46
C LEU A 59 19.82 -18.83 10.45
N THR A 60 20.80 -19.68 10.05
CA THR A 60 22.20 -19.29 9.99
C THR A 60 22.72 -19.58 8.59
N VAL A 61 23.60 -18.69 8.13
CA VAL A 61 24.29 -18.87 6.88
C VAL A 61 25.33 -19.98 7.03
N ALA A 62 25.07 -21.11 6.35
CA ALA A 62 25.91 -22.33 6.36
C ALA A 62 26.96 -22.37 5.25
N GLU A 63 26.73 -21.65 4.14
CA GLU A 63 27.50 -21.80 2.89
C GLU A 63 27.05 -20.64 2.03
N VAL A 64 28.00 -20.07 1.29
CA VAL A 64 27.71 -19.08 0.26
C VAL A 64 28.36 -19.51 -1.02
N CYS A 65 27.63 -19.38 -2.12
CA CYS A 65 28.15 -19.68 -3.44
C CYS A 65 27.55 -18.70 -4.47
N GLY A 66 28.39 -17.77 -4.96
CA GLY A 66 27.94 -16.69 -5.83
C GLY A 66 26.91 -15.82 -5.13
N TYR A 67 25.75 -15.70 -5.78
CA TYR A 67 24.63 -14.89 -5.30
C TYR A 67 23.62 -15.74 -4.54
N ARG A 68 24.05 -16.94 -4.14
CA ARG A 68 23.19 -17.91 -3.42
C ARG A 68 23.79 -18.23 -2.03
N LEU A 69 22.97 -18.75 -1.12
CA LEU A 69 23.38 -19.09 0.23
C LEU A 69 22.56 -20.28 0.72
N ARG A 70 23.19 -21.08 1.57
CA ARG A 70 22.55 -22.26 2.20
C ARG A 70 22.28 -21.89 3.63
N LEU A 71 21.03 -22.08 4.02
CA LEU A 71 20.59 -21.68 5.34
C LEU A 71 20.36 -22.92 6.18
N HIS A 72 20.69 -22.77 7.45
CA HIS A 72 20.57 -23.83 8.44
C HIS A 72 19.55 -23.42 9.53
N PHE A 73 18.61 -24.32 9.85
CA PHE A 73 17.68 -24.11 10.98
C PHE A 73 18.37 -24.38 12.32
N ASP A 74 18.66 -23.33 13.10
CA ASP A 74 19.40 -23.38 14.38
C ASP A 74 18.74 -24.40 15.29
N GLY A 75 19.56 -25.33 15.82
CA GLY A 75 19.04 -26.33 16.78
C GLY A 75 18.50 -27.58 16.09
N TYR A 76 18.27 -27.53 14.78
CA TYR A 76 17.75 -28.69 14.03
C TYR A 76 18.83 -29.32 13.15
N SER A 77 18.46 -30.42 12.48
CA SER A 77 19.37 -31.21 11.70
C SER A 77 19.80 -30.44 10.45
N GLU A 78 21.05 -30.64 10.06
CA GLU A 78 21.62 -30.15 8.79
C GLU A 78 20.90 -30.73 7.55
N CYS A 79 20.16 -31.85 7.69
CA CYS A 79 19.42 -32.43 6.54
C CYS A 79 18.26 -31.53 6.06
N HIS A 80 17.87 -30.55 6.88
CA HIS A 80 16.84 -29.57 6.55
C HIS A 80 17.39 -28.28 5.90
N ASP A 81 18.72 -28.13 5.77
CA ASP A 81 19.30 -26.91 5.13
C ASP A 81 18.72 -26.71 3.73
N PHE A 82 18.61 -25.46 3.28
CA PHE A 82 18.00 -25.14 2.01
C PHE A 82 18.69 -23.91 1.45
N TRP A 83 18.55 -23.72 0.14
CA TRP A 83 19.29 -22.70 -0.55
C TRP A 83 18.31 -21.64 -0.97
N VAL A 84 18.75 -20.37 -0.89
CA VAL A 84 18.05 -19.20 -1.43
C VAL A 84 19.00 -18.30 -2.20
N ASN A 85 18.42 -17.35 -2.97
CA ASN A 85 19.26 -16.27 -3.52
C ASN A 85 19.44 -15.16 -2.50
N ALA A 86 20.47 -14.35 -2.70
CA ALA A 86 20.71 -13.21 -1.78
C ALA A 86 19.64 -12.09 -1.88
N ASN A 87 18.85 -12.10 -2.95
CA ASN A 87 17.75 -11.19 -3.03
C ASN A 87 16.40 -11.88 -2.69
N SER A 88 16.42 -12.99 -1.95
CA SER A 88 15.18 -13.66 -1.55
C SER A 88 14.30 -12.77 -0.68
N PRO A 89 12.98 -12.73 -0.96
CA PRO A 89 12.04 -12.03 -0.10
C PRO A 89 11.54 -12.87 1.11
N ASP A 90 12.05 -14.10 1.28
CA ASP A 90 11.59 -15.09 2.26
C ASP A 90 12.45 -15.14 3.50
N ILE A 91 13.34 -14.13 3.62
CA ILE A 91 14.29 -13.98 4.72
C ILE A 91 14.23 -12.54 5.18
N HIS A 92 14.59 -12.33 6.45
CA HIS A 92 14.40 -11.05 7.10
C HIS A 92 15.47 -10.92 8.19
N PRO A 93 15.84 -9.66 8.49
CA PRO A 93 16.78 -9.40 9.59
C PRO A 93 16.28 -9.81 10.98
N ALA A 94 17.23 -10.12 11.86
CA ALA A 94 16.98 -10.39 13.28
C ALA A 94 16.18 -9.24 13.84
N GLY A 95 15.08 -9.52 14.54
CA GLY A 95 14.20 -8.45 15.07
C GLY A 95 12.91 -8.23 14.27
N TRP A 96 12.89 -8.71 13.03
CA TRP A 96 11.80 -8.46 12.10
C TRP A 96 10.46 -9.04 12.62
N PHE A 97 10.48 -10.24 13.20
CA PHE A 97 9.21 -10.91 13.53
C PHE A 97 8.48 -10.07 14.60
N GLU A 98 9.25 -9.56 15.56
CA GLU A 98 8.77 -8.77 16.69
C GLU A 98 8.18 -7.45 16.25
N LYS A 99 8.89 -6.78 15.35
CA LYS A 99 8.46 -5.51 14.81
C LYS A 99 7.27 -5.58 13.84
N THR A 100 6.92 -6.76 13.31
CA THR A 100 5.95 -6.88 12.20
C THR A 100 4.76 -7.81 12.47
N GLY A 101 4.72 -8.41 13.65
CA GLY A 101 3.58 -9.17 14.13
C GLY A 101 3.65 -10.58 13.58
N HIS A 102 4.87 -11.11 13.48
CA HIS A 102 5.06 -12.51 13.08
C HIS A 102 5.52 -13.37 14.21
N LYS A 103 5.02 -14.60 14.23
CA LYS A 103 5.45 -15.57 15.29
C LYS A 103 6.73 -16.29 14.94
N LEU A 104 7.59 -16.44 15.94
CA LEU A 104 8.80 -17.19 15.82
C LEU A 104 8.56 -18.60 16.34
N GLN A 105 9.09 -19.56 15.59
CA GLN A 105 9.26 -20.93 16.04
C GLN A 105 10.72 -20.93 16.48
N PRO A 106 10.96 -21.02 17.79
CA PRO A 106 12.32 -20.84 18.26
C PRO A 106 13.25 -22.05 18.00
N PRO A 107 14.54 -21.86 18.25
CA PRO A 107 15.48 -23.00 18.04
C PRO A 107 15.09 -24.23 18.92
N LYS A 108 15.33 -25.43 18.45
CA LYS A 108 14.98 -26.62 19.27
C LYS A 108 15.33 -26.49 20.80
N GLY A 109 14.34 -26.67 21.68
CA GLY A 109 14.57 -26.59 23.12
C GLY A 109 14.14 -25.31 23.81
N TYR A 110 14.03 -24.22 23.03
CA TYR A 110 13.51 -22.92 23.50
C TYR A 110 11.99 -22.98 23.72
N LYS A 111 11.55 -22.52 24.90
CA LYS A 111 10.12 -22.50 25.25
C LYS A 111 9.39 -21.26 24.71
N GLU A 112 8.08 -21.16 24.98
CA GLU A 112 7.18 -20.34 24.13
C GLU A 112 7.56 -18.87 23.87
N GLU A 113 8.00 -18.16 24.90
CA GLU A 113 8.32 -16.72 24.78
C GLU A 113 9.73 -16.48 25.37
N GLU A 114 10.54 -17.53 25.37
CA GLU A 114 11.87 -17.53 25.95
C GLU A 114 12.95 -16.86 25.07
N PHE A 115 12.89 -17.08 23.76
CA PHE A 115 13.83 -16.47 22.83
C PHE A 115 13.87 -14.93 22.83
N SER A 116 15.09 -14.39 22.88
CA SER A 116 15.43 -12.97 22.78
C SER A 116 16.73 -12.92 21.94
N TRP A 117 16.69 -12.21 20.80
CA TRP A 117 17.88 -11.98 19.96
C TRP A 117 19.12 -11.50 20.72
N SER A 118 18.99 -10.46 21.54
CA SER A 118 20.15 -9.96 22.31
C SER A 118 20.83 -11.05 23.19
N GLN A 119 20.06 -11.78 23.99
CA GLN A 119 20.57 -12.94 24.74
C GLN A 119 21.11 -14.09 23.86
N TYR A 120 20.40 -14.43 22.77
CA TYR A 120 20.93 -15.42 21.86
C TYR A 120 22.25 -15.01 21.18
N LEU A 121 22.40 -13.76 20.78
CA LEU A 121 23.66 -13.33 20.21
C LEU A 121 24.82 -13.33 21.21
N ARG A 122 24.49 -13.07 22.48
CA ARG A 122 25.40 -13.17 23.63
C ARG A 122 25.83 -14.63 23.89
N SER A 123 24.89 -15.56 23.92
CA SER A 123 25.19 -16.99 24.16
C SER A 123 26.08 -17.53 23.08
N THR A 124 25.74 -17.23 21.84
CA THR A 124 26.39 -17.83 20.68
C THR A 124 27.62 -17.03 20.22
N ARG A 125 27.75 -15.78 20.66
CA ARG A 125 28.80 -14.88 20.18
C ARG A 125 28.72 -14.71 18.66
N ALA A 126 27.51 -14.69 18.13
CA ALA A 126 27.37 -14.59 16.68
C ALA A 126 27.00 -13.15 16.25
N GLN A 127 27.05 -12.88 14.95
CA GLN A 127 26.60 -11.62 14.33
C GLN A 127 25.27 -11.83 13.56
N ALA A 128 24.30 -10.94 13.73
CA ALA A 128 23.15 -10.86 12.87
C ALA A 128 23.57 -10.29 11.53
N ALA A 129 23.09 -10.92 10.46
CA ALA A 129 23.22 -10.39 9.11
C ALA A 129 22.70 -8.94 9.16
N PRO A 130 23.49 -7.95 8.68
CA PRO A 130 23.02 -6.56 8.64
C PRO A 130 21.69 -6.37 7.84
N LYS A 131 20.85 -5.45 8.29
CA LYS A 131 19.54 -5.17 7.70
C LYS A 131 19.62 -4.78 6.24
N HIS A 132 20.67 -4.01 5.87
CA HIS A 132 20.81 -3.51 4.48
C HIS A 132 20.89 -4.64 3.41
N LEU A 133 21.28 -5.87 3.81
CA LEU A 133 21.23 -7.06 2.91
C LEU A 133 19.85 -7.51 2.38
N PHE A 134 18.80 -7.22 3.13
CA PHE A 134 17.49 -7.79 2.89
C PHE A 134 16.61 -6.94 1.96
N VAL A 135 16.19 -7.51 0.83
CA VAL A 135 15.21 -6.80 -0.03
C VAL A 135 13.88 -6.58 0.74
N SER A 136 13.52 -7.49 1.65
CA SER A 136 12.20 -7.53 2.33
C SER A 136 12.30 -7.29 3.85
N GLN A 137 11.85 -6.11 4.29
CA GLN A 137 11.84 -5.83 5.74
C GLN A 137 10.52 -5.27 6.18
N SER A 138 9.49 -5.45 5.34
CA SER A 138 8.16 -4.88 5.60
C SER A 138 8.10 -3.33 5.67
N HIS A 139 8.97 -2.64 4.90
CA HIS A 139 9.02 -1.19 4.87
C HIS A 139 8.39 -0.65 3.58
N SER A 140 7.96 -1.54 2.67
CA SER A 140 7.37 -1.06 1.42
C SER A 140 5.83 -1.20 1.45
N PRO A 141 5.10 -0.45 0.60
CA PRO A 141 3.63 -0.49 0.60
C PRO A 141 3.08 -1.83 0.06
N PRO A 142 2.17 -2.46 0.82
CA PRO A 142 1.48 -3.72 0.49
C PRO A 142 0.75 -3.75 -0.86
N PRO A 143 0.34 -4.95 -1.30
CA PRO A 143 -0.49 -4.91 -2.52
C PRO A 143 -1.88 -4.33 -2.16
N LEU A 144 -2.34 -3.33 -2.92
CA LEU A 144 -3.61 -2.70 -2.61
C LEU A 144 -4.75 -3.70 -2.69
N GLY A 145 -5.58 -3.69 -1.63
CA GLY A 145 -6.80 -4.48 -1.60
C GLY A 145 -6.69 -5.89 -1.03
N PHE A 146 -5.49 -6.33 -0.67
CA PHE A 146 -5.26 -7.66 -0.09
C PHE A 146 -4.94 -7.48 1.39
N GLN A 147 -5.93 -7.62 2.27
CA GLN A 147 -5.69 -7.47 3.70
C GLN A 147 -5.76 -8.82 4.36
N VAL A 148 -5.00 -8.97 5.46
CA VAL A 148 -5.12 -10.15 6.34
C VAL A 148 -6.60 -10.42 6.71
N GLY A 149 -7.04 -11.69 6.60
CA GLY A 149 -8.39 -12.15 6.85
C GLY A 149 -9.37 -12.12 5.68
N MET A 150 -8.98 -11.49 4.57
CA MET A 150 -9.83 -11.42 3.38
C MET A 150 -9.92 -12.76 2.65
N LYS A 151 -11.06 -13.03 1.98
CA LYS A 151 -11.22 -14.33 1.29
C LYS A 151 -11.15 -14.29 -0.23
N LEU A 152 -10.83 -15.45 -0.82
CA LEU A 152 -10.72 -15.60 -2.27
C LEU A 152 -10.79 -17.08 -2.62
N GLU A 153 -10.76 -17.33 -3.92
CA GLU A 153 -10.61 -18.68 -4.45
C GLU A 153 -9.19 -18.87 -4.99
N ALA A 154 -8.62 -20.03 -4.70
CA ALA A 154 -7.26 -20.25 -5.12
C ALA A 154 -7.06 -21.66 -5.64
N VAL A 155 -6.24 -21.80 -6.67
CA VAL A 155 -5.85 -23.13 -7.17
C VAL A 155 -4.96 -23.82 -6.09
N ASP A 156 -5.25 -25.08 -5.77
CA ASP A 156 -4.29 -25.87 -4.97
C ASP A 156 -3.17 -26.25 -5.91
N ARG A 157 -2.01 -25.61 -5.74
CA ARG A 157 -0.90 -25.79 -6.63
C ARG A 157 -0.31 -27.20 -6.62
N MET A 158 -0.45 -27.90 -5.49
CA MET A 158 -0.09 -29.32 -5.33
C MET A 158 -1.12 -30.28 -5.94
N ASN A 159 -2.37 -29.82 -6.05
CA ASN A 159 -3.48 -30.58 -6.63
C ASN A 159 -4.25 -29.65 -7.55
N PRO A 160 -3.70 -29.36 -8.73
CA PRO A 160 -4.22 -28.18 -9.45
C PRO A 160 -5.50 -28.35 -10.28
N SER A 161 -6.10 -29.53 -10.26
CA SER A 161 -7.50 -29.66 -10.65
C SER A 161 -8.48 -28.92 -9.75
N LEU A 162 -8.03 -28.56 -8.54
CA LEU A 162 -8.91 -28.04 -7.51
C LEU A 162 -8.78 -26.52 -7.34
N VAL A 163 -9.92 -25.81 -7.31
CA VAL A 163 -9.99 -24.39 -6.96
C VAL A 163 -10.82 -24.33 -5.71
N CYS A 164 -10.27 -23.62 -4.71
CA CYS A 164 -10.64 -23.86 -3.33
C CYS A 164 -10.85 -22.57 -2.51
N VAL A 165 -11.69 -22.68 -1.50
CA VAL A 165 -11.95 -21.56 -0.58
C VAL A 165 -10.64 -21.23 0.21
N ALA A 166 -10.19 -19.97 0.08
CA ALA A 166 -8.83 -19.56 0.61
C ALA A 166 -8.93 -18.20 1.28
N SER A 167 -7.91 -17.88 2.07
CA SER A 167 -7.77 -16.65 2.86
C SER A 167 -6.38 -16.10 2.71
N VAL A 168 -6.30 -14.77 2.85
CA VAL A 168 -5.02 -14.07 3.06
C VAL A 168 -4.65 -14.15 4.56
N THR A 169 -3.54 -14.79 4.88
CA THR A 169 -3.15 -14.91 6.29
C THR A 169 -1.89 -14.12 6.70
N ASP A 170 -1.23 -13.50 5.72
CA ASP A 170 0.05 -12.83 5.98
C ASP A 170 0.31 -11.84 4.84
N VAL A 171 0.94 -10.70 5.15
CA VAL A 171 1.19 -9.69 4.11
C VAL A 171 2.58 -9.13 4.38
N VAL A 172 3.47 -9.26 3.39
CA VAL A 172 4.86 -8.77 3.52
C VAL A 172 5.31 -8.05 2.26
N ASP A 173 5.58 -6.75 2.39
CA ASP A 173 5.95 -5.93 1.24
C ASP A 173 4.96 -6.09 0.06
N SER A 174 5.41 -6.56 -1.10
CA SER A 174 4.57 -6.64 -2.28
C SER A 174 3.76 -7.95 -2.34
N ARG A 175 4.03 -8.88 -1.43
CA ARG A 175 3.46 -10.22 -1.48
C ARG A 175 2.45 -10.51 -0.37
N PHE A 176 1.63 -11.53 -0.56
CA PHE A 176 0.71 -11.97 0.50
C PHE A 176 0.64 -13.49 0.55
N LEU A 177 0.33 -14.06 1.73
CA LEU A 177 0.18 -15.49 1.89
C LEU A 177 -1.27 -16.00 1.72
N VAL A 178 -1.42 -16.90 0.74
CA VAL A 178 -2.66 -17.62 0.43
C VAL A 178 -2.72 -18.92 1.28
N HIS A 179 -3.82 -19.12 2.01
CA HIS A 179 -3.97 -20.22 2.96
C HIS A 179 -5.31 -20.90 2.67
N PHE A 180 -5.34 -22.25 2.68
CA PHE A 180 -6.57 -23.01 2.46
C PHE A 180 -7.31 -23.28 3.76
N ASP A 181 -8.50 -22.68 3.89
CA ASP A 181 -9.33 -22.73 5.14
C ASP A 181 -9.52 -24.15 5.65
N ASN A 182 -9.19 -24.35 6.92
CA ASN A 182 -9.29 -25.63 7.67
C ASN A 182 -8.21 -26.67 7.37
N TRP A 183 -7.23 -26.33 6.53
CA TRP A 183 -6.11 -27.25 6.25
C TRP A 183 -4.90 -26.71 7.01
N ASP A 184 -3.88 -27.52 7.12
CA ASP A 184 -2.61 -27.03 7.60
C ASP A 184 -1.92 -26.14 6.54
N ASP A 185 -0.74 -25.61 6.87
CA ASP A 185 -0.08 -24.64 5.98
C ASP A 185 0.77 -25.30 4.88
N THR A 186 0.76 -26.63 4.78
CA THR A 186 1.64 -27.28 3.77
C THR A 186 1.24 -26.88 2.33
N TYR A 187 -0.03 -26.47 2.16
CA TYR A 187 -0.55 -26.06 0.83
C TYR A 187 -0.46 -24.56 0.52
N ASP A 188 -0.03 -23.80 1.54
CA ASP A 188 0.09 -22.34 1.50
C ASP A 188 1.08 -21.94 0.44
N TYR A 189 0.83 -20.81 -0.20
CA TYR A 189 1.85 -20.21 -1.03
C TYR A 189 1.75 -18.71 -1.06
N TRP A 190 2.90 -18.09 -1.21
CA TRP A 190 3.05 -16.68 -1.26
C TRP A 190 2.82 -16.26 -2.71
N CYS A 191 2.22 -15.10 -2.90
CA CYS A 191 2.11 -14.59 -4.26
C CYS A 191 1.81 -13.09 -4.34
N ASP A 192 1.65 -12.56 -5.56
CA ASP A 192 1.22 -11.18 -5.76
C ASP A 192 -0.16 -11.08 -6.43
N PRO A 193 -0.73 -9.87 -6.51
CA PRO A 193 -2.07 -9.68 -7.10
C PRO A 193 -2.25 -10.18 -8.53
N SER A 194 -1.17 -10.31 -9.29
CA SER A 194 -1.25 -10.91 -10.65
C SER A 194 -1.09 -12.44 -10.73
N SER A 195 -1.00 -13.12 -9.58
CA SER A 195 -0.87 -14.54 -9.60
C SER A 195 -1.96 -15.16 -10.48
N PRO A 196 -1.56 -16.03 -11.39
CA PRO A 196 -2.60 -16.77 -12.18
C PRO A 196 -3.41 -17.84 -11.40
N TYR A 197 -3.07 -18.06 -10.13
CA TYR A 197 -3.66 -19.14 -9.32
C TYR A 197 -4.75 -18.68 -8.39
N ILE A 198 -5.00 -17.39 -8.38
CA ILE A 198 -6.02 -16.79 -7.52
C ILE A 198 -7.11 -16.12 -8.33
N HIS A 199 -8.31 -16.04 -7.72
CA HIS A 199 -9.54 -15.54 -8.34
C HIS A 199 -10.43 -14.91 -7.26
N PRO A 200 -11.27 -13.93 -7.62
CA PRO A 200 -12.27 -13.40 -6.65
C PRO A 200 -13.27 -14.48 -6.21
N VAL A 201 -13.78 -14.34 -4.98
CA VAL A 201 -14.98 -15.03 -4.48
C VAL A 201 -16.03 -15.01 -5.61
N GLY A 202 -16.60 -16.16 -5.93
CA GLY A 202 -17.59 -16.28 -7.01
C GLY A 202 -17.11 -16.65 -8.41
N TRP A 203 -15.81 -16.73 -8.62
CA TRP A 203 -15.23 -17.13 -9.91
C TRP A 203 -15.65 -18.53 -10.38
N CYS A 204 -15.62 -19.50 -9.48
CA CYS A 204 -16.03 -20.85 -9.83
C CYS A 204 -17.49 -20.90 -10.27
N GLN A 205 -18.35 -20.18 -9.56
CA GLN A 205 -19.80 -20.25 -9.82
C GLN A 205 -20.08 -19.61 -11.17
N LYS A 206 -19.39 -18.50 -11.43
CA LYS A 206 -19.43 -17.83 -12.70
C LYS A 206 -18.98 -18.77 -13.85
N GLN A 207 -17.85 -19.42 -13.66
CA GLN A 207 -17.27 -20.29 -14.68
C GLN A 207 -17.99 -21.64 -14.85
N GLY A 208 -18.85 -22.03 -13.90
CA GLY A 208 -19.48 -23.35 -13.93
C GLY A 208 -18.49 -24.43 -13.51
N LYS A 209 -17.60 -24.07 -12.58
CA LYS A 209 -16.53 -24.94 -12.08
C LYS A 209 -16.74 -25.33 -10.60
N PRO A 210 -16.34 -26.55 -10.23
CA PRO A 210 -16.52 -26.97 -8.84
C PRO A 210 -15.57 -26.21 -7.88
N LEU A 211 -16.16 -25.59 -6.87
CA LEU A 211 -15.39 -25.02 -5.81
C LEU A 211 -15.23 -26.05 -4.71
N THR A 212 -13.97 -26.26 -4.31
CA THR A 212 -13.63 -27.07 -3.16
C THR A 212 -13.81 -26.24 -1.88
N PRO A 213 -14.72 -26.70 -0.98
CA PRO A 213 -14.96 -25.97 0.29
C PRO A 213 -13.91 -26.35 1.38
N PRO A 214 -13.88 -25.65 2.52
CA PRO A 214 -12.91 -25.96 3.61
C PRO A 214 -12.89 -27.44 4.08
N GLN A 215 -11.73 -28.00 4.48
CA GLN A 215 -11.67 -29.43 4.94
C GLN A 215 -12.72 -29.68 6.01
N ASP A 216 -13.46 -30.77 5.89
CA ASP A 216 -14.41 -31.12 6.94
C ASP A 216 -15.49 -30.03 7.18
N TYR A 217 -15.75 -29.15 6.19
CA TYR A 217 -16.83 -28.14 6.33
C TYR A 217 -18.13 -28.93 6.50
N PRO A 218 -18.97 -28.59 7.52
CA PRO A 218 -20.22 -29.38 7.71
C PRO A 218 -21.18 -29.28 6.52
N ASP A 219 -21.60 -30.45 6.00
CA ASP A 219 -22.51 -30.56 4.85
C ASP A 219 -21.89 -29.94 3.58
N PRO A 220 -20.70 -30.44 3.18
CA PRO A 220 -19.91 -29.66 2.22
C PRO A 220 -20.69 -29.62 0.91
N ASP A 221 -20.64 -28.50 0.19
CA ASP A 221 -21.40 -28.43 -1.08
C ASP A 221 -22.95 -28.40 -0.96
N ASN A 222 -23.41 -28.05 0.24
CA ASN A 222 -24.36 -26.95 0.39
C ASN A 222 -23.53 -25.67 0.75
N PHE A 223 -22.20 -25.75 0.56
CA PHE A 223 -21.32 -24.59 0.82
C PHE A 223 -21.76 -23.44 -0.05
N CYS A 224 -21.86 -22.27 0.59
CA CYS A 224 -22.35 -21.05 -0.01
C CYS A 224 -21.39 -19.91 0.48
N TRP A 225 -20.76 -19.15 -0.43
CA TRP A 225 -19.92 -18.00 -0.05
C TRP A 225 -20.58 -16.95 0.83
N GLU A 226 -21.81 -16.58 0.46
CA GLU A 226 -22.63 -15.62 1.23
C GLU A 226 -22.72 -16.00 2.72
N LYS A 227 -23.00 -17.27 2.98
CA LYS A 227 -23.22 -17.80 4.32
C LYS A 227 -21.88 -17.83 5.08
N TYR A 228 -20.87 -18.38 4.43
CA TYR A 228 -19.54 -18.44 4.95
C TYR A 228 -18.89 -17.10 5.34
N LEU A 229 -19.03 -16.10 4.48
CA LEU A 229 -18.55 -14.73 4.74
C LEU A 229 -19.21 -14.10 5.96
N GLU A 230 -20.52 -14.30 6.06
CA GLU A 230 -21.32 -13.86 7.19
C GLU A 230 -20.92 -14.56 8.50
N GLU A 231 -20.82 -15.90 8.49
CA GLU A 231 -20.40 -16.65 9.68
C GLU A 231 -18.92 -16.45 10.12
N THR A 232 -18.05 -15.97 9.23
CA THR A 232 -16.65 -15.87 9.60
C THR A 232 -16.25 -14.42 9.81
N GLY A 233 -17.24 -13.51 9.75
CA GLY A 233 -16.99 -12.04 9.88
C GLY A 233 -15.93 -11.51 8.91
N ALA A 234 -15.90 -12.08 7.71
CA ALA A 234 -14.81 -11.83 6.76
C ALA A 234 -15.36 -11.14 5.51
N SER A 235 -14.51 -10.41 4.82
CA SER A 235 -14.80 -9.74 3.53
C SER A 235 -14.04 -10.42 2.36
N ALA A 236 -14.60 -10.37 1.14
CA ALA A 236 -13.89 -10.85 -0.06
C ALA A 236 -12.80 -9.87 -0.49
N VAL A 237 -11.65 -10.37 -0.94
CA VAL A 237 -10.69 -9.46 -1.62
C VAL A 237 -11.52 -8.79 -2.74
N PRO A 238 -11.47 -7.45 -2.81
CA PRO A 238 -12.16 -6.80 -3.95
C PRO A 238 -11.73 -7.25 -5.35
N THR A 239 -12.72 -7.44 -6.22
CA THR A 239 -12.48 -7.88 -7.59
C THR A 239 -11.48 -6.98 -8.32
N TRP A 240 -11.54 -5.67 -8.09
CA TRP A 240 -10.61 -4.71 -8.77
C TRP A 240 -9.14 -4.96 -8.40
N ALA A 241 -8.91 -5.69 -7.29
CA ALA A 241 -7.55 -5.86 -6.73
C ALA A 241 -6.72 -6.91 -7.51
N PHE A 242 -7.40 -7.78 -8.23
CA PHE A 242 -6.76 -8.87 -8.96
C PHE A 242 -6.29 -8.29 -10.26
N LYS A 243 -5.08 -8.64 -10.69
CA LYS A 243 -4.52 -8.17 -11.95
C LYS A 243 -4.22 -9.36 -12.89
N VAL A 244 -4.28 -9.17 -14.20
CA VAL A 244 -4.03 -10.29 -15.15
C VAL A 244 -2.52 -10.30 -15.43
N ARG A 245 -1.83 -11.42 -15.23
CA ARG A 245 -0.43 -11.50 -15.63
C ARG A 245 -0.33 -11.95 -17.09
N PRO A 246 0.46 -11.23 -17.91
CA PRO A 246 0.65 -11.75 -19.29
C PRO A 246 1.31 -13.14 -19.26
N PRO A 247 0.94 -14.01 -20.23
CA PRO A 247 1.69 -15.24 -20.41
C PRO A 247 3.17 -14.92 -20.65
N HIS A 248 4.05 -15.82 -20.20
CA HIS A 248 5.45 -15.62 -20.53
C HIS A 248 5.65 -15.86 -22.02
N SER A 249 6.85 -15.47 -22.49
CA SER A 249 7.24 -15.59 -23.90
C SER A 249 8.43 -16.46 -24.21
N PHE A 250 8.80 -17.35 -23.28
CA PHE A 250 9.71 -18.45 -23.52
C PHE A 250 9.18 -19.39 -24.61
N LEU A 251 10.08 -19.77 -25.52
CA LEU A 251 9.74 -20.64 -26.64
C LEU A 251 10.53 -21.91 -26.47
N VAL A 252 9.94 -23.02 -26.89
CA VAL A 252 10.59 -24.33 -26.92
C VAL A 252 11.98 -24.24 -27.58
N ASN A 253 12.93 -24.96 -26.95
CA ASN A 253 14.35 -25.08 -27.34
C ASN A 253 15.24 -23.92 -26.94
N MET A 254 14.66 -22.88 -26.34
CA MET A 254 15.42 -21.80 -25.73
C MET A 254 16.19 -22.33 -24.52
N LYS A 255 17.43 -21.88 -24.37
CA LYS A 255 18.31 -22.42 -23.37
C LYS A 255 18.51 -21.42 -22.23
N LEU A 256 18.87 -21.94 -21.07
CA LEU A 256 18.96 -21.11 -19.87
C LEU A 256 19.68 -21.87 -18.74
N GLU A 257 19.70 -21.29 -17.54
CA GLU A 257 20.29 -21.96 -16.39
C GLU A 257 19.25 -22.23 -15.34
N ALA A 258 19.31 -23.42 -14.74
CA ALA A 258 18.32 -23.79 -13.75
C ALA A 258 18.96 -24.62 -12.61
N VAL A 259 18.51 -24.34 -11.38
CA VAL A 259 18.75 -25.16 -10.20
C VAL A 259 18.24 -26.59 -10.37
N ASP A 260 19.09 -27.54 -9.99
CA ASP A 260 18.76 -28.94 -9.93
C ASP A 260 17.96 -29.17 -8.63
N ARG A 261 16.69 -29.55 -8.72
CA ARG A 261 15.83 -29.77 -7.55
C ARG A 261 16.22 -31.00 -6.71
N ARG A 262 16.87 -31.99 -7.33
CA ARG A 262 17.39 -33.12 -6.57
C ARG A 262 18.78 -32.88 -5.99
N ASN A 263 19.44 -31.78 -6.39
CA ASN A 263 20.69 -31.33 -5.71
C ASN A 263 20.85 -29.83 -5.86
N PRO A 264 20.13 -29.06 -5.00
CA PRO A 264 19.98 -27.61 -5.18
C PRO A 264 21.26 -26.77 -5.02
N ALA A 265 22.35 -27.36 -4.52
CA ALA A 265 23.66 -26.65 -4.64
C ALA A 265 24.01 -26.39 -6.10
N LEU A 266 23.55 -27.27 -7.00
CA LEU A 266 23.95 -27.19 -8.39
C LEU A 266 22.97 -26.51 -9.34
N ILE A 267 23.57 -25.78 -10.28
CA ILE A 267 22.86 -25.14 -11.38
C ILE A 267 23.44 -25.70 -12.67
N ARG A 268 22.51 -26.06 -13.56
CA ARG A 268 22.83 -26.87 -14.75
C ARG A 268 22.41 -26.12 -15.99
N VAL A 269 23.13 -26.36 -17.08
CA VAL A 269 22.70 -26.00 -18.44
C VAL A 269 21.32 -26.63 -18.73
N ALA A 270 20.37 -25.82 -19.19
CA ALA A 270 19.00 -26.30 -19.35
C ALA A 270 18.35 -25.75 -20.60
N SER A 271 17.20 -26.32 -20.92
CA SER A 271 16.52 -26.04 -22.21
C SER A 271 15.01 -26.02 -21.97
N VAL A 272 14.29 -25.18 -22.69
CA VAL A 272 12.82 -25.19 -22.64
C VAL A 272 12.28 -26.38 -23.46
N GLU A 273 11.67 -27.34 -22.76
CA GLU A 273 11.14 -28.56 -23.37
C GLU A 273 9.70 -28.37 -23.85
N ASP A 274 8.89 -27.68 -23.05
CA ASP A 274 7.52 -27.44 -23.36
C ASP A 274 7.10 -26.19 -22.67
N VAL A 275 5.99 -25.64 -23.11
CA VAL A 275 5.41 -24.43 -22.48
C VAL A 275 3.89 -24.49 -22.18
N GLU A 276 3.48 -23.70 -21.20
CA GLU A 276 2.07 -23.36 -20.94
C GLU A 276 2.03 -21.84 -20.83
N ASP A 277 0.86 -21.22 -20.67
CA ASP A 277 0.84 -19.73 -20.53
C ASP A 277 1.72 -19.19 -19.41
N HIS A 278 1.79 -19.87 -18.28
CA HIS A 278 2.54 -19.34 -17.13
C HIS A 278 3.63 -20.24 -16.55
N ARG A 279 3.88 -21.36 -17.20
CA ARG A 279 4.84 -22.36 -16.76
C ARG A 279 5.71 -22.81 -17.91
N ILE A 280 6.89 -23.33 -17.57
CA ILE A 280 7.81 -23.89 -18.57
C ILE A 280 8.30 -25.27 -18.13
N LYS A 281 8.49 -26.16 -19.10
CA LYS A 281 9.07 -27.46 -18.80
C LYS A 281 10.58 -27.42 -19.06
N ILE A 282 11.34 -27.67 -18.00
CA ILE A 282 12.80 -27.64 -18.01
C ILE A 282 13.34 -28.99 -18.33
N HIS A 283 14.30 -29.00 -19.24
CA HIS A 283 15.10 -30.17 -19.52
C HIS A 283 16.55 -29.86 -19.20
N PHE A 284 17.21 -30.79 -18.50
CA PHE A 284 18.66 -30.65 -18.29
C PHE A 284 19.45 -31.30 -19.40
N ASP A 285 20.18 -30.49 -20.19
CA ASP A 285 20.89 -30.96 -21.38
C ASP A 285 21.84 -32.09 -21.03
N GLY A 286 21.74 -33.20 -21.77
CA GLY A 286 22.59 -34.35 -21.57
C GLY A 286 22.01 -35.41 -20.64
N TRP A 287 20.93 -35.06 -19.93
CA TRP A 287 20.31 -35.95 -18.95
C TRP A 287 19.04 -36.54 -19.54
N SER A 288 18.61 -37.66 -18.98
CA SER A 288 17.36 -38.30 -19.34
C SER A 288 16.23 -37.26 -19.24
N HIS A 289 15.24 -37.39 -20.13
CA HIS A 289 14.08 -36.53 -20.10
C HIS A 289 13.17 -36.97 -18.96
N GLY A 290 13.40 -38.16 -18.39
CA GLY A 290 12.73 -38.55 -17.14
C GLY A 290 12.94 -37.54 -15.98
N TYR A 291 14.01 -36.75 -16.04
CA TYR A 291 14.20 -35.66 -15.06
C TYR A 291 13.53 -34.32 -15.44
N ASP A 292 12.83 -34.24 -16.58
CA ASP A 292 12.20 -32.98 -16.96
C ASP A 292 11.14 -32.62 -15.90
N PHE A 293 10.98 -31.32 -15.61
CA PHE A 293 10.02 -30.86 -14.61
C PHE A 293 9.37 -29.52 -14.98
N TRP A 294 8.13 -29.30 -14.52
CA TRP A 294 7.37 -28.05 -14.78
C TRP A 294 7.66 -27.07 -13.68
N ILE A 295 7.83 -25.81 -14.05
CA ILE A 295 8.16 -24.78 -13.10
C ILE A 295 7.42 -23.50 -13.57
N ASP A 296 7.01 -22.68 -12.62
CA ASP A 296 6.41 -21.39 -12.91
C ASP A 296 7.48 -20.50 -13.52
N ALA A 297 7.04 -19.68 -14.49
CA ALA A 297 7.93 -18.78 -15.19
C ALA A 297 8.59 -17.77 -14.27
N ASP A 298 7.97 -17.46 -13.12
CA ASP A 298 8.52 -16.48 -12.15
C ASP A 298 9.30 -17.11 -10.98
N HIS A 299 9.60 -18.40 -11.07
CA HIS A 299 10.31 -19.07 -10.00
C HIS A 299 11.73 -18.53 -9.83
N PRO A 300 12.14 -18.26 -8.56
CA PRO A 300 13.48 -17.70 -8.31
C PRO A 300 14.70 -18.51 -8.81
N ASP A 301 14.51 -19.79 -9.10
CA ASP A 301 15.63 -20.67 -9.44
C ASP A 301 15.79 -21.01 -10.95
N ILE A 302 15.27 -20.15 -11.83
CA ILE A 302 15.66 -20.18 -13.26
C ILE A 302 16.27 -18.82 -13.62
N HIS A 303 17.30 -18.83 -14.46
CA HIS A 303 18.12 -17.65 -14.72
C HIS A 303 18.55 -17.61 -16.19
N PRO A 304 18.81 -16.38 -16.73
CA PRO A 304 19.44 -16.34 -18.06
C PRO A 304 20.85 -16.95 -18.08
N ALA A 305 21.17 -17.54 -19.22
CA ALA A 305 22.55 -17.84 -19.63
C ALA A 305 23.53 -16.70 -19.29
N GLY A 306 24.62 -17.06 -18.64
CA GLY A 306 25.62 -16.11 -18.08
C GLY A 306 25.46 -15.75 -16.59
N TRP A 307 24.39 -16.22 -15.94
CA TRP A 307 24.07 -15.74 -14.59
C TRP A 307 25.11 -16.25 -13.63
N CYS A 308 25.37 -17.55 -13.75
CA CYS A 308 26.38 -18.28 -12.96
C CYS A 308 27.77 -17.66 -13.14
N SER A 309 28.22 -17.51 -14.39
CA SER A 309 29.53 -16.91 -14.70
C SER A 309 29.65 -15.55 -14.04
N LYS A 310 28.66 -14.68 -14.28
CA LYS A 310 28.68 -13.31 -13.79
C LYS A 310 28.48 -13.13 -12.28
N THR A 311 27.89 -14.12 -11.61
CA THR A 311 27.57 -14.02 -10.17
C THR A 311 28.60 -14.73 -9.29
N GLY A 312 29.48 -15.51 -9.94
CA GLY A 312 30.49 -16.34 -9.24
C GLY A 312 30.04 -17.75 -8.88
N HIS A 313 28.98 -18.24 -9.50
CA HIS A 313 28.47 -19.60 -9.15
C HIS A 313 28.98 -20.57 -10.22
N PRO A 314 29.53 -21.76 -9.84
CA PRO A 314 29.82 -22.77 -10.89
C PRO A 314 28.55 -23.23 -11.65
N LEU A 315 28.67 -23.36 -12.97
CA LEU A 315 27.62 -23.87 -13.83
C LEU A 315 27.93 -25.33 -14.26
N GLN A 316 26.99 -26.25 -14.10
CA GLN A 316 27.20 -27.65 -14.55
C GLN A 316 26.95 -27.77 -16.07
N PRO A 317 27.94 -28.26 -16.84
CA PRO A 317 27.74 -28.45 -18.30
C PRO A 317 26.87 -29.68 -18.59
N PRO A 318 26.39 -29.84 -19.83
CA PRO A 318 25.61 -31.07 -20.10
C PRO A 318 26.25 -32.41 -19.69
N LEU A 319 25.41 -33.33 -19.23
CA LEU A 319 25.62 -34.81 -19.28
C LEU A 319 25.72 -35.56 -17.96
N CYS B 6 -29.84 12.62 -0.72
CA CYS B 6 -29.27 12.79 -2.10
C CYS B 6 -27.96 13.62 -2.07
N TRP B 7 -26.87 13.02 -2.55
CA TRP B 7 -25.53 13.60 -2.37
C TRP B 7 -25.34 14.82 -3.24
N SER B 8 -24.81 15.89 -2.67
CA SER B 8 -24.43 17.07 -3.47
C SER B 8 -23.16 17.75 -2.95
N TRP B 9 -22.37 18.32 -3.87
CA TRP B 9 -21.20 19.12 -3.51
C TRP B 9 -21.48 20.27 -2.54
N GLU B 10 -22.52 21.06 -2.81
CA GLU B 10 -22.94 22.13 -1.91
C GLU B 10 -23.20 21.68 -0.47
N SER B 11 -23.89 20.56 -0.28
CA SER B 11 -24.17 20.05 1.06
C SER B 11 -22.92 19.50 1.73
N TYR B 12 -22.10 18.79 0.92
CA TYR B 12 -20.88 18.18 1.43
C TYR B 12 -19.91 19.25 1.92
N LEU B 13 -19.88 20.38 1.24
CA LEU B 13 -18.93 21.43 1.55
C LEU B 13 -19.32 22.16 2.86
N GLU B 14 -20.61 22.41 3.04
CA GLU B 14 -21.09 22.93 4.33
C GLU B 14 -20.81 21.89 5.46
N GLU B 15 -21.16 20.63 5.22
CA GLU B 15 -20.93 19.64 6.25
C GLU B 15 -19.46 19.41 6.61
N GLN B 16 -18.54 19.57 5.63
CA GLN B 16 -17.10 19.40 5.87
C GLN B 16 -16.35 20.70 6.20
N LYS B 17 -17.05 21.84 6.05
CA LYS B 17 -16.46 23.16 6.21
C LYS B 17 -15.24 23.31 5.27
N ALA B 18 -15.48 23.00 4.00
CA ALA B 18 -14.40 22.92 3.01
C ALA B 18 -14.73 23.70 1.71
N ILE B 19 -13.72 23.80 0.84
CA ILE B 19 -13.87 24.42 -0.45
C ILE B 19 -13.36 23.47 -1.53
N THR B 20 -13.94 23.62 -2.72
CA THR B 20 -13.45 22.93 -3.90
C THR B 20 -12.34 23.75 -4.60
N ALA B 21 -11.37 23.06 -5.20
CA ALA B 21 -10.42 23.73 -6.12
C ALA B 21 -11.19 24.47 -7.23
N PRO B 22 -11.02 25.80 -7.32
CA PRO B 22 -11.72 26.57 -8.38
C PRO B 22 -11.47 26.02 -9.78
N VAL B 23 -12.46 26.14 -10.67
CA VAL B 23 -12.30 25.75 -12.07
C VAL B 23 -11.02 26.40 -12.72
N SER B 24 -10.71 27.62 -12.31
CA SER B 24 -9.56 28.39 -12.83
C SER B 24 -8.22 27.73 -12.55
N LEU B 25 -8.16 26.81 -11.59
CA LEU B 25 -6.91 26.12 -11.28
C LEU B 25 -6.55 25.07 -12.35
N PHE B 26 -7.55 24.58 -13.08
CA PHE B 26 -7.41 23.46 -14.03
C PHE B 26 -7.08 23.96 -15.41
N GLN B 27 -6.54 23.04 -16.22
CA GLN B 27 -6.46 23.25 -17.66
C GLN B 27 -7.85 23.22 -18.26
N ASP B 28 -8.09 24.09 -19.27
CA ASP B 28 -9.34 24.09 -20.02
C ASP B 28 -9.86 22.65 -20.37
N SER B 29 -8.96 21.77 -20.83
CA SER B 29 -9.31 20.38 -21.24
C SER B 29 -9.81 19.48 -20.06
N GLN B 30 -9.27 19.73 -18.85
CA GLN B 30 -9.75 19.03 -17.63
C GLN B 30 -11.14 19.47 -17.17
N ALA B 31 -11.47 20.72 -17.41
CA ALA B 31 -12.61 21.46 -16.84
C ALA B 31 -13.84 21.45 -17.76
N VAL B 32 -13.62 21.33 -19.05
CA VAL B 32 -14.73 21.60 -20.02
C VAL B 32 -15.82 20.56 -19.90
N THR B 33 -17.05 21.03 -19.67
CA THR B 33 -18.21 20.13 -19.58
C THR B 33 -19.25 20.29 -20.69
N HIS B 34 -19.18 21.39 -21.46
CA HIS B 34 -20.23 21.65 -22.45
C HIS B 34 -20.10 20.88 -23.78
N ASN B 35 -18.93 20.27 -24.05
CA ASN B 35 -18.79 19.44 -25.24
C ASN B 35 -19.56 18.16 -25.12
N LYS B 36 -20.35 17.84 -26.12
CA LYS B 36 -21.08 16.58 -26.03
C LYS B 36 -20.15 15.45 -26.45
N ASN B 37 -20.41 14.27 -25.91
CA ASN B 37 -19.71 13.06 -26.31
C ASN B 37 -20.44 12.45 -27.50
N GLY B 38 -19.84 12.59 -28.68
CA GLY B 38 -20.39 12.06 -29.95
C GLY B 38 -19.89 10.69 -30.32
N PHE B 39 -19.03 10.13 -29.50
CA PHE B 39 -18.68 8.69 -29.58
C PHE B 39 -19.80 7.66 -29.36
N LYS B 40 -19.90 6.66 -30.22
CA LYS B 40 -21.03 5.74 -30.13
C LYS B 40 -20.48 4.32 -30.04
N LEU B 41 -21.26 3.42 -29.44
CA LEU B 41 -20.88 1.97 -29.31
C LEU B 41 -20.61 1.33 -30.65
N GLY B 42 -19.54 0.55 -30.73
CA GLY B 42 -19.17 -0.08 -31.98
C GLY B 42 -18.36 0.77 -32.96
N MET B 43 -18.22 2.08 -32.73
CA MET B 43 -17.45 2.96 -33.66
C MET B 43 -15.97 2.55 -33.59
N LYS B 44 -15.29 2.57 -34.73
CA LYS B 44 -13.86 2.12 -34.86
C LYS B 44 -12.94 3.29 -35.06
N LEU B 45 -11.73 3.17 -34.55
CA LEU B 45 -10.69 4.23 -34.56
C LEU B 45 -9.25 3.68 -34.30
N GLU B 46 -8.31 4.61 -34.17
CA GLU B 46 -6.89 4.28 -33.94
C GLU B 46 -6.48 4.98 -32.62
N GLY B 47 -5.52 4.43 -31.92
CA GLY B 47 -5.06 5.09 -30.68
C GLY B 47 -3.85 4.41 -30.14
N ILE B 48 -3.14 5.12 -29.27
CA ILE B 48 -1.99 4.52 -28.61
C ILE B 48 -2.46 3.48 -27.55
N ASP B 49 -1.61 2.48 -27.29
CA ASP B 49 -1.73 1.61 -26.15
C ASP B 49 -1.11 2.40 -24.96
N PRO B 50 -1.89 2.72 -23.91
CA PRO B 50 -1.42 3.46 -22.71
C PRO B 50 -0.23 2.77 -22.03
N GLN B 51 -0.09 1.46 -22.21
CA GLN B 51 1.06 0.74 -21.68
C GLN B 51 2.27 0.67 -22.61
N HIS B 52 2.07 0.94 -23.91
CA HIS B 52 3.14 1.00 -24.91
C HIS B 52 2.90 2.24 -25.81
N PRO B 53 3.21 3.43 -25.24
CA PRO B 53 2.64 4.66 -25.79
C PRO B 53 3.25 5.13 -27.11
N SER B 54 4.20 4.36 -27.63
CA SER B 54 4.78 4.58 -28.94
C SER B 54 3.98 3.86 -30.02
N MET B 55 3.15 2.90 -29.60
CA MET B 55 2.50 1.99 -30.53
C MET B 55 0.99 2.23 -30.78
N TYR B 56 0.58 2.13 -32.05
CA TYR B 56 -0.76 2.43 -32.46
C TYR B 56 -1.56 1.15 -32.82
N PHE B 57 -2.77 1.08 -32.28
CA PHE B 57 -3.67 -0.04 -32.53
C PHE B 57 -5.03 0.37 -33.07
N ILE B 58 -5.66 -0.59 -33.74
CA ILE B 58 -7.11 -0.53 -34.04
C ILE B 58 -8.00 -0.75 -32.79
N LEU B 59 -8.87 0.23 -32.50
CA LEU B 59 -9.70 0.22 -31.31
C LEU B 59 -11.17 0.39 -31.61
N THR B 60 -12.01 -0.13 -30.71
CA THR B 60 -13.48 0.00 -30.80
C THR B 60 -14.07 0.53 -29.51
N VAL B 61 -15.09 1.41 -29.67
CA VAL B 61 -15.87 1.92 -28.56
C VAL B 61 -16.73 0.76 -27.97
N ALA B 62 -16.35 0.36 -26.77
CA ALA B 62 -16.94 -0.75 -25.99
C ALA B 62 -18.01 -0.25 -25.00
N GLU B 63 -17.92 1.02 -24.61
CA GLU B 63 -18.80 1.65 -23.61
C GLU B 63 -18.56 3.17 -23.64
N VAL B 64 -19.63 3.93 -23.37
CA VAL B 64 -19.57 5.34 -23.13
C VAL B 64 -20.21 5.63 -21.77
N CYS B 65 -19.59 6.54 -21.04
CA CYS B 65 -20.08 6.97 -19.76
C CYS B 65 -19.76 8.47 -19.62
N GLY B 66 -20.79 9.31 -19.71
CA GLY B 66 -20.58 10.76 -19.67
C GLY B 66 -19.65 11.21 -20.81
N TYR B 67 -18.60 11.95 -20.46
CA TYR B 67 -17.57 12.43 -21.40
C TYR B 67 -16.38 11.48 -21.56
N ARG B 68 -16.55 10.23 -21.12
CA ARG B 68 -15.51 9.19 -21.17
C ARG B 68 -15.99 8.06 -22.05
N LEU B 69 -15.02 7.25 -22.53
CA LEU B 69 -15.30 6.07 -23.34
C LEU B 69 -14.28 4.98 -23.02
N ARG B 70 -14.77 3.75 -23.08
CA ARG B 70 -13.97 2.59 -22.88
C ARG B 70 -13.63 2.00 -24.22
N LEU B 71 -12.33 1.81 -24.45
CA LEU B 71 -11.83 1.36 -25.75
C LEU B 71 -11.32 -0.08 -25.68
N HIS B 72 -11.63 -0.84 -26.71
CA HIS B 72 -11.28 -2.25 -26.82
C HIS B 72 -10.25 -2.48 -27.96
N PHE B 73 -9.20 -3.25 -27.68
CA PHE B 73 -8.24 -3.60 -28.74
C PHE B 73 -8.85 -4.73 -29.59
N ASP B 74 -9.23 -4.41 -30.82
CA ASP B 74 -9.74 -5.41 -31.78
C ASP B 74 -8.85 -6.69 -31.90
N GLY B 75 -9.48 -7.85 -31.67
CA GLY B 75 -8.83 -9.15 -31.79
C GLY B 75 -8.26 -9.69 -30.47
N TYR B 76 -8.02 -8.78 -29.52
CA TYR B 76 -7.45 -9.07 -28.22
C TYR B 76 -8.49 -9.20 -27.13
N SER B 77 -8.06 -9.58 -25.95
CA SER B 77 -8.96 -9.78 -24.85
C SER B 77 -9.48 -8.46 -24.25
N GLU B 78 -10.70 -8.54 -23.72
CA GLU B 78 -11.31 -7.38 -23.12
C GLU B 78 -10.64 -6.98 -21.79
N CYS B 79 -9.85 -7.88 -21.19
CA CYS B 79 -9.09 -7.48 -20.00
C CYS B 79 -8.17 -6.29 -20.29
N HIS B 80 -7.90 -6.03 -21.58
CA HIS B 80 -6.99 -4.92 -21.95
C HIS B 80 -7.71 -3.58 -22.21
N ASP B 81 -9.04 -3.56 -22.04
CA ASP B 81 -9.85 -2.39 -22.37
C ASP B 81 -9.38 -1.23 -21.49
N PHE B 82 -9.43 -0.01 -21.98
CA PHE B 82 -9.04 1.11 -21.16
C PHE B 82 -9.99 2.31 -21.40
N TRP B 83 -9.92 3.28 -20.51
CA TRP B 83 -10.77 4.46 -20.54
C TRP B 83 -9.96 5.70 -20.95
N VAL B 84 -10.58 6.54 -21.77
CA VAL B 84 -10.02 7.86 -22.17
C VAL B 84 -11.17 8.87 -22.12
N ASN B 85 -10.84 10.15 -22.10
CA ASN B 85 -11.90 11.17 -22.26
C ASN B 85 -12.17 11.41 -23.74
N ALA B 86 -13.36 11.92 -24.02
CA ALA B 86 -13.74 12.23 -25.43
C ALA B 86 -12.85 13.28 -26.11
N ASN B 87 -12.20 14.14 -25.33
CA ASN B 87 -11.22 15.07 -25.91
C ASN B 87 -9.75 14.58 -25.74
N SER B 88 -9.56 13.28 -25.58
CA SER B 88 -8.23 12.68 -25.62
C SER B 88 -7.41 12.99 -26.92
N PRO B 89 -6.13 13.42 -26.76
CA PRO B 89 -5.29 13.53 -27.95
C PRO B 89 -4.61 12.18 -28.34
N ASP B 90 -4.89 11.12 -27.59
CA ASP B 90 -4.18 9.82 -27.74
C ASP B 90 -4.94 8.84 -28.63
N ILE B 91 -5.97 9.39 -29.30
CA ILE B 91 -6.80 8.66 -30.26
C ILE B 91 -6.92 9.50 -31.53
N HIS B 92 -7.16 8.82 -32.66
CA HIS B 92 -7.14 9.41 -33.99
C HIS B 92 -8.15 8.68 -34.90
N PRO B 93 -8.71 9.40 -35.90
CA PRO B 93 -9.60 8.76 -36.86
C PRO B 93 -8.95 7.70 -37.78
N ALA B 94 -9.74 6.71 -38.20
CA ALA B 94 -9.34 5.74 -39.24
C ALA B 94 -8.65 6.45 -40.41
N GLY B 95 -7.47 5.95 -40.76
CA GLY B 95 -6.69 6.54 -41.88
C GLY B 95 -5.58 7.48 -41.43
N TRP B 96 -5.66 7.91 -40.17
CA TRP B 96 -4.66 8.83 -39.60
C TRP B 96 -3.23 8.27 -39.74
N PHE B 97 -3.03 6.98 -39.42
CA PHE B 97 -1.68 6.43 -39.38
C PHE B 97 -0.94 6.57 -40.72
N GLU B 98 -1.61 6.26 -41.83
CA GLU B 98 -0.90 6.23 -43.08
C GLU B 98 -0.70 7.64 -43.62
N LYS B 99 -1.55 8.59 -43.19
CA LYS B 99 -1.43 10.03 -43.58
C LYS B 99 -0.34 10.79 -42.83
N THR B 100 0.16 10.24 -41.74
CA THR B 100 1.02 10.95 -40.76
C THR B 100 2.33 10.23 -40.38
N GLY B 101 2.63 9.14 -41.07
CA GLY B 101 3.91 8.39 -40.89
C GLY B 101 3.87 7.52 -39.65
N HIS B 102 2.71 7.02 -39.25
CA HIS B 102 2.66 6.16 -38.03
C HIS B 102 2.40 4.67 -38.33
N LYS B 103 3.11 3.78 -37.64
CA LYS B 103 2.83 2.33 -37.80
C LYS B 103 1.57 1.86 -37.06
N LEU B 104 0.81 1.00 -37.73
CA LEU B 104 -0.38 0.40 -37.13
C LEU B 104 -0.11 -1.07 -36.82
N GLN B 105 -0.39 -1.47 -35.57
CA GLN B 105 -0.32 -2.89 -35.21
C GLN B 105 -1.70 -3.39 -35.56
N PRO B 106 -1.79 -4.43 -36.41
CA PRO B 106 -3.09 -4.89 -36.94
C PRO B 106 -3.88 -5.65 -35.85
N PRO B 107 -5.19 -5.95 -36.08
CA PRO B 107 -5.93 -6.73 -35.08
C PRO B 107 -5.28 -8.13 -34.91
N LYS B 108 -5.51 -8.78 -33.77
CA LYS B 108 -4.84 -10.05 -33.48
C LYS B 108 -5.05 -11.09 -34.60
N GLY B 109 -3.96 -11.77 -34.98
CA GLY B 109 -3.98 -12.85 -35.96
C GLY B 109 -4.09 -12.35 -37.39
N TYR B 110 -4.16 -11.04 -37.54
CA TYR B 110 -4.56 -10.42 -38.79
C TYR B 110 -3.45 -9.47 -39.30
N PHE B 115 -3.31 -4.89 -43.53
CA PHE B 115 -4.56 -4.27 -43.07
C PHE B 115 -4.98 -3.09 -43.99
N SER B 116 -6.24 -3.10 -44.44
CA SER B 116 -6.85 -1.87 -44.97
C SER B 116 -8.17 -1.54 -44.23
N TRP B 117 -8.32 -0.28 -43.86
CA TRP B 117 -9.57 0.19 -43.27
C TRP B 117 -10.82 -0.09 -44.14
N SER B 118 -10.77 0.18 -45.44
CA SER B 118 -11.96 -0.01 -46.32
C SER B 118 -12.42 -1.45 -46.37
N GLN B 119 -11.49 -2.39 -46.50
CA GLN B 119 -11.78 -3.81 -46.40
C GLN B 119 -12.21 -4.29 -45.01
N TYR B 120 -11.56 -3.81 -43.96
CA TYR B 120 -11.91 -4.16 -42.58
C TYR B 120 -13.32 -3.71 -42.25
N LEU B 121 -13.69 -2.49 -42.66
CA LEU B 121 -15.05 -1.96 -42.46
C LEU B 121 -16.10 -2.70 -43.29
N ARG B 122 -15.70 -3.21 -44.46
CA ARG B 122 -16.58 -4.08 -45.25
C ARG B 122 -16.81 -5.40 -44.55
N SER B 123 -15.73 -6.11 -44.19
CA SER B 123 -15.85 -7.37 -43.42
C SER B 123 -16.74 -7.29 -42.16
N THR B 124 -16.48 -6.28 -41.33
CA THR B 124 -17.12 -6.07 -40.01
C THR B 124 -18.50 -5.39 -40.08
N ARG B 125 -18.82 -4.74 -41.19
CA ARG B 125 -19.97 -3.82 -41.30
C ARG B 125 -20.01 -2.71 -40.21
N ALA B 126 -18.82 -2.30 -39.75
CA ALA B 126 -18.68 -1.31 -38.70
C ALA B 126 -18.55 0.06 -39.31
N GLN B 127 -18.75 1.07 -38.48
CA GLN B 127 -18.57 2.43 -38.93
C GLN B 127 -17.33 2.98 -38.22
N ALA B 128 -16.53 3.76 -38.96
CA ALA B 128 -15.46 4.52 -38.36
C ALA B 128 -16.01 5.75 -37.60
N ALA B 129 -15.53 6.03 -36.39
CA ALA B 129 -15.84 7.29 -35.68
C ALA B 129 -15.54 8.51 -36.56
N PRO B 130 -16.51 9.45 -36.72
CA PRO B 130 -16.28 10.59 -37.62
C PRO B 130 -15.05 11.42 -37.21
N LYS B 131 -14.38 12.00 -38.20
CA LYS B 131 -13.14 12.77 -37.99
C LYS B 131 -13.36 13.96 -37.04
N HIS B 132 -14.52 14.63 -37.15
CA HIS B 132 -14.81 15.86 -36.35
C HIS B 132 -14.86 15.60 -34.83
N LEU B 133 -15.00 14.32 -34.42
CA LEU B 133 -14.92 13.97 -33.00
C LEU B 133 -13.54 14.17 -32.34
N PHE B 134 -12.47 14.18 -33.13
CA PHE B 134 -11.10 14.06 -32.63
C PHE B 134 -10.37 15.38 -32.43
N VAL B 135 -9.90 15.66 -31.21
CA VAL B 135 -9.07 16.87 -31.01
C VAL B 135 -7.72 16.83 -31.78
N SER B 136 -7.16 15.63 -31.94
CA SER B 136 -5.84 15.45 -32.51
C SER B 136 -5.88 14.67 -33.83
N GLN B 137 -5.68 15.40 -34.95
CA GLN B 137 -5.49 14.76 -36.27
C GLN B 137 -4.18 15.18 -36.97
N SER B 138 -3.24 15.69 -36.17
CA SER B 138 -1.98 16.19 -36.67
C SER B 138 -2.14 17.43 -37.60
N HIS B 139 -3.16 18.27 -37.37
CA HIS B 139 -3.34 19.48 -38.19
C HIS B 139 -2.93 20.81 -37.55
N SER B 140 -2.57 20.78 -36.27
CA SER B 140 -2.25 22.03 -35.53
C SER B 140 -0.73 22.32 -35.43
N PRO B 141 -0.36 23.58 -35.05
CA PRO B 141 1.05 23.98 -34.85
C PRO B 141 1.91 22.94 -34.08
N PRO B 142 3.08 22.55 -34.63
CA PRO B 142 3.92 21.58 -33.90
C PRO B 142 4.68 22.22 -32.68
N PRO B 143 5.30 21.37 -31.82
CA PRO B 143 6.05 21.94 -30.69
C PRO B 143 7.31 22.55 -31.26
N LEU B 144 7.43 23.87 -31.20
CA LEU B 144 8.52 24.57 -31.90
C LEU B 144 9.85 24.12 -31.36
N GLY B 145 10.76 23.74 -32.27
CA GLY B 145 12.09 23.31 -31.84
C GLY B 145 12.25 21.82 -31.60
N PHE B 146 11.16 21.08 -31.41
CA PHE B 146 11.24 19.63 -31.13
C PHE B 146 11.03 18.80 -32.39
N GLN B 147 12.09 18.29 -32.97
CA GLN B 147 11.95 17.48 -34.20
C GLN B 147 12.19 16.01 -33.86
N VAL B 148 11.51 15.09 -34.55
CA VAL B 148 11.84 13.65 -34.44
C VAL B 148 13.35 13.42 -34.67
N GLY B 149 13.94 12.56 -33.83
CA GLY B 149 15.39 12.26 -33.85
C GLY B 149 16.27 13.20 -33.03
N MET B 150 15.69 14.30 -32.54
CA MET B 150 16.45 15.17 -31.63
C MET B 150 16.59 14.54 -30.22
N LYS B 151 17.68 14.89 -29.56
CA LYS B 151 17.98 14.29 -28.26
C LYS B 151 17.94 15.34 -27.16
N LEU B 152 17.79 14.84 -25.94
CA LEU B 152 17.49 15.65 -24.74
C LEU B 152 17.74 14.78 -23.50
N GLU B 153 17.62 15.37 -22.31
CA GLU B 153 17.72 14.62 -21.04
C GLU B 153 16.34 14.60 -20.43
N ALA B 154 15.94 13.46 -19.86
CA ALA B 154 14.57 13.35 -19.38
C ALA B 154 14.51 12.54 -18.07
N VAL B 155 13.67 12.98 -17.14
CA VAL B 155 13.34 12.23 -15.91
C VAL B 155 12.69 10.88 -16.27
N ASP B 156 13.24 9.79 -15.75
CA ASP B 156 12.49 8.51 -15.85
C ASP B 156 11.36 8.60 -14.84
N ARG B 157 10.11 8.76 -15.29
CA ARG B 157 9.01 9.00 -14.34
C ARG B 157 8.72 7.77 -13.48
N MET B 158 9.20 6.61 -13.91
CA MET B 158 9.02 5.38 -13.17
C MET B 158 10.14 5.19 -12.16
N ASN B 159 11.21 5.96 -12.33
CA ASN B 159 12.39 5.87 -11.47
C ASN B 159 12.93 7.30 -11.38
N PRO B 160 12.18 8.20 -10.69
CA PRO B 160 12.39 9.65 -10.82
C PRO B 160 13.71 10.23 -10.29
N SER B 161 14.53 9.43 -9.60
CA SER B 161 15.89 9.87 -9.25
C SER B 161 16.83 9.93 -10.47
N LEU B 162 16.43 9.25 -11.55
CA LEU B 162 17.21 9.15 -12.78
C LEU B 162 16.78 10.20 -13.83
N VAL B 163 17.77 10.96 -14.28
CA VAL B 163 17.64 11.86 -15.43
C VAL B 163 18.52 11.23 -16.52
N CYS B 164 17.95 10.98 -17.70
CA CYS B 164 18.51 10.08 -18.69
C CYS B 164 18.63 10.62 -20.14
N VAL B 165 19.47 9.92 -20.91
CA VAL B 165 19.66 10.19 -22.34
C VAL B 165 18.35 9.76 -23.01
N ALA B 166 17.76 10.67 -23.80
CA ALA B 166 16.45 10.45 -24.41
C ALA B 166 16.36 11.13 -25.76
N SER B 167 15.39 10.66 -26.56
CA SER B 167 15.12 11.09 -27.91
C SER B 167 13.66 11.43 -28.10
N VAL B 168 13.44 12.37 -29.02
CA VAL B 168 12.13 12.60 -29.55
C VAL B 168 11.89 11.54 -30.64
N THR B 169 10.85 10.71 -30.50
CA THR B 169 10.56 9.68 -31.51
C THR B 169 9.23 9.83 -32.24
N ASP B 170 8.43 10.81 -31.82
CA ASP B 170 7.10 11.04 -32.40
C ASP B 170 6.72 12.50 -32.09
N VAL B 171 5.99 13.12 -33.04
CA VAL B 171 5.46 14.47 -32.93
C VAL B 171 4.00 14.39 -33.47
N VAL B 172 3.05 14.82 -32.64
CA VAL B 172 1.63 14.83 -32.98
C VAL B 172 0.99 16.12 -32.41
N ASP B 173 0.54 17.01 -33.30
CA ASP B 173 -0.03 18.29 -32.88
C ASP B 173 0.95 19.10 -31.96
N SER B 174 0.52 19.52 -30.77
CA SER B 174 1.40 20.27 -29.85
C SER B 174 2.39 19.40 -29.01
N ARG B 175 2.32 18.08 -29.15
CA ARG B 175 3.06 17.17 -28.24
C ARG B 175 4.10 16.36 -28.97
N PHE B 176 5.07 15.84 -28.23
CA PHE B 176 6.09 14.95 -28.78
C PHE B 176 6.27 13.80 -27.79
N LEU B 177 6.79 12.69 -28.27
CA LEU B 177 7.04 11.50 -27.42
C LEU B 177 8.51 11.39 -27.02
N VAL B 178 8.75 11.25 -25.71
CA VAL B 178 10.08 11.07 -25.13
C VAL B 178 10.35 9.55 -25.01
N HIS B 179 11.46 9.11 -25.63
CA HIS B 179 11.90 7.73 -25.61
C HIS B 179 13.27 7.62 -24.92
N PHE B 180 13.44 6.61 -24.08
CA PHE B 180 14.72 6.34 -23.45
C PHE B 180 15.58 5.42 -24.29
N ASP B 181 16.68 6.00 -24.80
CA ASP B 181 17.59 5.32 -25.72
C ASP B 181 18.04 3.90 -25.23
N ASN B 182 17.93 2.90 -26.14
CA ASN B 182 18.23 1.47 -25.88
C ASN B 182 17.34 0.75 -24.86
N TRP B 183 16.27 1.41 -24.44
CA TRP B 183 15.21 0.74 -23.69
C TRP B 183 14.02 0.45 -24.60
N ASP B 184 13.08 -0.34 -24.09
CA ASP B 184 11.80 -0.46 -24.78
C ASP B 184 10.94 0.78 -24.44
N ASP B 185 9.71 0.74 -24.93
CA ASP B 185 8.85 1.90 -24.86
C ASP B 185 7.99 1.98 -23.63
N THR B 186 8.12 1.01 -22.71
CA THR B 186 7.34 1.07 -21.46
C THR B 186 7.59 2.34 -20.65
N TYR B 187 8.78 2.91 -20.79
CA TYR B 187 9.17 4.13 -20.07
C TYR B 187 8.92 5.44 -20.84
N ASP B 188 8.46 5.33 -22.08
CA ASP B 188 8.09 6.49 -22.91
C ASP B 188 6.93 7.36 -22.36
N TYR B 189 6.98 8.65 -22.64
CA TYR B 189 5.87 9.51 -22.32
C TYR B 189 5.73 10.69 -23.30
N TRP B 190 4.47 11.07 -23.47
CA TRP B 190 4.06 12.19 -24.31
C TRP B 190 4.11 13.45 -23.49
N CYS B 191 4.63 14.51 -24.07
CA CYS B 191 4.65 15.77 -23.39
C CYS B 191 4.76 16.93 -24.35
N ASP B 192 4.74 18.15 -23.81
CA ASP B 192 4.92 19.40 -24.58
C ASP B 192 6.20 20.12 -24.09
N PRO B 193 6.61 21.21 -24.80
CA PRO B 193 7.87 21.91 -24.53
C PRO B 193 7.99 22.45 -23.14
N SER B 194 6.86 22.56 -22.42
CA SER B 194 6.86 23.08 -21.02
C SER B 194 7.04 22.01 -19.94
N SER B 195 7.10 20.73 -20.34
CA SER B 195 7.21 19.65 -19.38
C SER B 195 8.29 19.91 -18.35
N PRO B 196 7.96 19.70 -17.06
CA PRO B 196 8.91 19.79 -15.93
C PRO B 196 9.95 18.66 -15.97
N TYR B 197 9.75 17.66 -16.82
CA TYR B 197 10.54 16.40 -16.77
C TYR B 197 11.63 16.30 -17.81
N ILE B 198 11.76 17.35 -18.64
CA ILE B 198 12.67 17.42 -19.75
C ILE B 198 13.64 18.57 -19.62
N HIS B 199 14.86 18.33 -20.10
CA HIS B 199 15.94 19.28 -20.05
C HIS B 199 16.79 19.18 -21.31
N PRO B 200 17.49 20.27 -21.64
CA PRO B 200 18.48 20.20 -22.72
C PRO B 200 19.66 19.25 -22.46
N VAL B 201 20.20 18.70 -23.54
CA VAL B 201 21.51 18.04 -23.53
C VAL B 201 22.46 18.95 -22.70
N GLY B 202 23.14 18.40 -21.71
CA GLY B 202 24.10 19.18 -20.91
C GLY B 202 23.62 19.64 -19.55
N TRP B 203 22.31 19.53 -19.32
CA TRP B 203 21.69 19.99 -18.09
C TRP B 203 22.23 19.31 -16.80
N CYS B 204 22.30 17.97 -16.79
CA CYS B 204 22.79 17.23 -15.62
C CYS B 204 24.19 17.66 -15.21
N GLN B 205 25.06 17.75 -16.21
CA GLN B 205 26.39 18.23 -15.99
C GLN B 205 26.46 19.70 -15.43
N LYS B 206 25.66 20.59 -15.98
CA LYS B 206 25.47 21.92 -15.41
C LYS B 206 24.88 21.97 -13.98
N GLN B 207 24.06 20.98 -13.59
CA GLN B 207 23.49 20.91 -12.26
C GLN B 207 24.31 20.09 -11.24
N GLY B 208 25.45 19.54 -11.66
CA GLY B 208 26.23 18.63 -10.82
C GLY B 208 25.60 17.27 -10.55
N LYS B 209 24.65 16.85 -11.40
CA LYS B 209 23.88 15.60 -11.28
C LYS B 209 24.34 14.45 -12.25
N PRO B 210 24.28 13.18 -11.78
CA PRO B 210 24.63 12.07 -12.67
C PRO B 210 23.64 11.95 -13.86
N LEU B 211 24.17 11.82 -15.08
CA LEU B 211 23.32 11.52 -16.22
C LEU B 211 23.30 10.01 -16.40
N THR B 212 22.11 9.46 -16.59
CA THR B 212 21.96 8.02 -16.86
C THR B 212 22.09 7.78 -18.38
N PRO B 213 23.16 7.09 -18.83
CA PRO B 213 23.41 6.84 -20.27
C PRO B 213 22.50 5.72 -20.86
N PRO B 214 22.47 5.57 -22.21
CA PRO B 214 21.59 4.52 -22.80
C PRO B 214 21.84 3.14 -22.20
N GLN B 215 20.82 2.27 -22.17
CA GLN B 215 20.96 0.93 -21.59
C GLN B 215 22.21 0.21 -22.13
N ASP B 216 22.94 -0.44 -21.23
CA ASP B 216 24.24 -1.09 -21.52
C ASP B 216 25.20 -0.33 -22.46
N TYR B 217 25.30 1.00 -22.26
CA TYR B 217 26.33 1.79 -22.96
C TYR B 217 27.71 1.39 -22.42
N PRO B 218 28.67 1.12 -23.33
CA PRO B 218 30.02 0.69 -22.89
C PRO B 218 30.78 1.81 -22.15
N ASP B 219 31.48 1.45 -21.08
CA ASP B 219 32.08 2.41 -20.15
C ASP B 219 31.18 3.64 -20.00
N PRO B 220 30.01 3.44 -19.32
CA PRO B 220 28.91 4.41 -19.11
C PRO B 220 29.29 5.59 -18.21
N ASP B 221 30.48 5.50 -17.62
CA ASP B 221 30.93 6.51 -16.69
C ASP B 221 31.50 7.68 -17.44
N ASN B 222 32.03 7.39 -18.62
CA ASN B 222 32.53 8.44 -19.49
C ASN B 222 31.69 8.59 -20.77
N PHE B 223 30.37 8.41 -20.62
CA PHE B 223 29.42 8.77 -21.67
C PHE B 223 29.65 10.25 -21.99
N CYS B 224 29.66 10.56 -23.28
CA CYS B 224 30.01 11.88 -23.73
C CYS B 224 29.01 12.29 -24.79
N TRP B 225 28.22 13.31 -24.46
CA TRP B 225 27.12 13.72 -25.30
C TRP B 225 27.57 14.07 -26.74
N GLU B 226 28.64 14.86 -26.87
CA GLU B 226 29.10 15.27 -28.20
C GLU B 226 29.51 14.08 -29.09
N LYS B 227 30.20 13.10 -28.50
CA LYS B 227 30.60 11.86 -29.19
C LYS B 227 29.35 11.05 -29.58
N TYR B 228 28.37 10.97 -28.68
CA TYR B 228 27.14 10.22 -28.96
C TYR B 228 26.23 10.86 -30.02
N LEU B 229 26.06 12.18 -29.96
CA LEU B 229 25.37 12.89 -31.03
C LEU B 229 25.99 12.74 -32.41
N GLU B 230 27.31 12.95 -32.47
CA GLU B 230 28.05 12.75 -33.69
C GLU B 230 27.85 11.33 -34.24
N GLU B 231 27.98 10.31 -33.40
CA GLU B 231 27.91 8.95 -33.86
C GLU B 231 26.54 8.54 -34.40
N THR B 232 25.50 9.00 -33.72
CA THR B 232 24.17 8.65 -34.06
C THR B 232 23.58 9.59 -35.08
N GLY B 233 24.34 10.57 -35.56
CA GLY B 233 23.88 11.47 -36.63
C GLY B 233 22.71 12.37 -36.18
N ALA B 234 22.75 12.77 -34.91
CA ALA B 234 21.63 13.43 -34.24
C ALA B 234 22.02 14.83 -33.68
N SER B 235 21.03 15.74 -33.55
CA SER B 235 21.21 17.06 -32.92
C SER B 235 20.53 17.10 -31.57
N ALA B 236 21.01 17.95 -30.66
CA ALA B 236 20.28 18.24 -29.43
C ALA B 236 19.03 19.08 -29.75
N VAL B 237 17.90 18.83 -29.09
CA VAL B 237 16.82 19.84 -29.07
C VAL B 237 17.46 21.18 -28.62
N PRO B 238 17.31 22.25 -29.43
CA PRO B 238 17.88 23.55 -29.04
C PRO B 238 17.33 24.05 -27.69
N THR B 239 18.18 24.72 -26.93
CA THR B 239 17.86 25.16 -25.56
C THR B 239 16.68 26.15 -25.51
N TRP B 240 16.52 26.99 -26.54
CA TRP B 240 15.44 27.95 -26.60
C TRP B 240 14.04 27.32 -26.71
N ALA B 241 13.97 26.06 -27.12
CA ALA B 241 12.67 25.40 -27.30
C ALA B 241 11.97 24.93 -25.99
N PHE B 242 12.78 24.76 -24.94
CA PHE B 242 12.30 24.40 -23.61
C PHE B 242 11.69 25.67 -22.96
N LYS B 243 10.51 25.46 -22.37
CA LYS B 243 9.69 26.54 -21.77
C LYS B 243 9.44 26.28 -20.32
N VAL B 244 9.27 27.33 -19.54
CA VAL B 244 8.97 27.11 -18.11
C VAL B 244 7.46 26.93 -17.89
N ARG B 245 7.04 25.80 -17.33
CA ARG B 245 5.65 25.67 -16.89
C ARG B 245 5.53 26.39 -15.50
N PRO B 246 4.58 27.34 -15.37
CA PRO B 246 4.37 27.85 -13.99
C PRO B 246 3.86 26.77 -13.02
N PRO B 247 4.30 26.82 -11.74
CA PRO B 247 3.78 25.89 -10.76
C PRO B 247 2.28 26.08 -10.62
N HIS B 248 1.56 24.99 -10.33
CA HIS B 248 0.13 25.06 -10.15
C HIS B 248 -0.18 25.80 -8.84
N SER B 249 -1.44 26.13 -8.64
CA SER B 249 -1.87 26.77 -7.44
C SER B 249 -2.88 26.00 -6.60
N PHE B 250 -2.95 24.67 -6.75
CA PHE B 250 -3.81 23.88 -5.87
C PHE B 250 -3.28 23.98 -4.42
N LEU B 251 -4.19 24.08 -3.47
CA LEU B 251 -3.84 24.11 -2.04
C LEU B 251 -4.34 22.84 -1.32
N VAL B 252 -3.63 22.45 -0.25
CA VAL B 252 -4.02 21.28 0.58
C VAL B 252 -5.41 21.52 1.13
N ASN B 253 -6.22 20.47 1.07
CA ASN B 253 -7.63 20.42 1.54
C ASN B 253 -8.63 20.91 0.53
N MET B 254 -8.17 21.45 -0.60
CA MET B 254 -9.07 21.68 -1.73
C MET B 254 -9.67 20.38 -2.29
N LYS B 255 -10.96 20.40 -2.58
CA LYS B 255 -11.66 19.19 -3.02
C LYS B 255 -11.90 19.24 -4.54
N LEU B 256 -11.96 18.07 -5.16
CA LEU B 256 -12.08 17.97 -6.62
C LEU B 256 -12.60 16.58 -6.92
N GLU B 257 -12.60 16.20 -8.20
CA GLU B 257 -12.98 14.85 -8.61
C GLU B 257 -11.83 14.14 -9.35
N ALA B 258 -11.65 12.84 -9.07
CA ALA B 258 -10.56 12.08 -9.71
C ALA B 258 -10.96 10.64 -10.04
N VAL B 259 -10.48 10.19 -11.21
CA VAL B 259 -10.55 8.78 -11.63
C VAL B 259 -9.81 7.90 -10.60
N ASP B 260 -10.47 6.80 -10.21
CA ASP B 260 -9.82 5.78 -9.34
C ASP B 260 -8.96 4.95 -10.26
N ARG B 261 -7.66 5.14 -10.18
N ARG B 261 -7.66 5.13 -10.19
CA ARG B 261 -6.75 4.33 -11.02
CA ARG B 261 -6.79 4.32 -11.06
C ARG B 261 -6.76 2.82 -10.76
C ARG B 261 -6.83 2.82 -10.78
N ARG B 262 -7.18 2.40 -9.56
CA ARG B 262 -7.35 0.95 -9.26
C ARG B 262 -8.58 0.34 -9.97
N ASN B 263 -9.55 1.19 -10.22
CA ASN B 263 -10.83 0.80 -10.80
C ASN B 263 -11.36 1.95 -11.72
N PRO B 264 -10.72 2.14 -12.91
CA PRO B 264 -10.91 3.44 -13.62
C PRO B 264 -12.27 3.75 -14.26
N ALA B 265 -13.19 2.78 -14.31
CA ALA B 265 -14.58 3.10 -14.59
C ALA B 265 -15.10 4.19 -13.61
N LEU B 266 -14.55 4.21 -12.39
CA LEU B 266 -15.05 5.04 -11.29
C LEU B 266 -14.27 6.32 -11.05
N ILE B 267 -15.04 7.35 -10.69
CA ILE B 267 -14.54 8.66 -10.32
C ILE B 267 -15.06 8.98 -8.94
N ARG B 268 -14.14 9.44 -8.07
CA ARG B 268 -14.42 9.62 -6.67
C ARG B 268 -14.22 11.06 -6.20
N VAL B 269 -14.97 11.42 -5.15
CA VAL B 269 -14.75 12.65 -4.37
C VAL B 269 -13.30 12.64 -3.84
N ALA B 270 -12.53 13.67 -4.16
CA ALA B 270 -11.11 13.69 -3.78
C ALA B 270 -10.76 14.98 -3.10
N SER B 271 -9.70 14.95 -2.28
CA SER B 271 -9.05 16.14 -1.71
C SER B 271 -7.57 16.18 -2.00
N VAL B 272 -7.01 17.38 -2.11
CA VAL B 272 -5.57 17.59 -2.12
C VAL B 272 -4.97 17.28 -0.73
N GLU B 273 -4.17 16.21 -0.67
CA GLU B 273 -3.48 15.76 0.57
C GLU B 273 -2.15 16.48 0.75
N ASP B 274 -1.48 16.75 -0.36
CA ASP B 274 -0.14 17.31 -0.29
C ASP B 274 0.14 17.91 -1.65
N VAL B 275 1.19 18.73 -1.77
CA VAL B 275 1.50 19.39 -3.07
C VAL B 275 2.98 19.47 -3.36
N GLU B 276 3.32 19.46 -4.65
CA GLU B 276 4.66 19.84 -5.09
C GLU B 276 4.51 20.96 -6.10
N ASP B 277 5.60 21.47 -6.71
CA ASP B 277 5.48 22.51 -7.74
C ASP B 277 4.54 22.12 -8.90
N HIS B 278 4.59 20.85 -9.33
CA HIS B 278 3.86 20.42 -10.52
C HIS B 278 2.99 19.18 -10.32
N ARG B 279 2.92 18.72 -9.08
CA ARG B 279 2.14 17.54 -8.74
C ARG B 279 1.24 17.83 -7.55
N ILE B 280 0.14 17.07 -7.49
CA ILE B 280 -0.78 17.05 -6.33
C ILE B 280 -0.90 15.61 -5.80
N LYS B 281 -1.00 15.47 -4.49
CA LYS B 281 -1.29 14.18 -3.91
C LYS B 281 -2.79 14.08 -3.68
N ILE B 282 -3.42 13.15 -4.41
CA ILE B 282 -4.83 12.86 -4.29
C ILE B 282 -5.13 11.92 -3.09
N HIS B 283 -6.09 12.32 -2.27
CA HIS B 283 -6.72 11.43 -1.28
C HIS B 283 -8.18 11.22 -1.60
N PHE B 284 -8.64 9.95 -1.65
CA PHE B 284 -10.07 9.70 -1.74
C PHE B 284 -10.76 9.78 -0.37
N ASP B 285 -11.63 10.78 -0.21
CA ASP B 285 -12.38 10.95 1.06
C ASP B 285 -13.00 9.64 1.53
N GLY B 286 -12.70 9.32 2.79
CA GLY B 286 -13.21 8.10 3.42
C GLY B 286 -12.37 6.87 3.21
N TRP B 287 -11.41 6.90 2.30
CA TRP B 287 -10.50 5.77 2.08
C TRP B 287 -9.26 5.92 2.97
N SER B 288 -8.59 4.81 3.32
CA SER B 288 -7.29 4.86 4.04
C SER B 288 -6.26 5.58 3.18
N HIS B 289 -5.21 6.13 3.80
CA HIS B 289 -4.24 6.93 3.06
C HIS B 289 -3.30 6.10 2.20
N GLY B 290 -3.33 4.77 2.37
CA GLY B 290 -2.62 3.84 1.50
C GLY B 290 -3.10 3.99 0.06
N TYR B 291 -4.33 4.48 -0.10
CA TYR B 291 -4.93 4.69 -1.41
C TYR B 291 -4.55 6.01 -2.08
N ASP B 292 -3.85 6.89 -1.32
CA ASP B 292 -3.39 8.16 -1.84
C ASP B 292 -2.35 7.96 -2.92
N PHE B 293 -2.29 8.94 -3.85
CA PHE B 293 -1.37 8.88 -4.99
C PHE B 293 -1.04 10.26 -5.53
N TRP B 294 0.21 10.39 -5.96
CA TRP B 294 0.70 11.59 -6.61
C TRP B 294 0.30 11.60 -8.06
N ILE B 295 0.01 12.78 -8.57
CA ILE B 295 -0.43 12.90 -9.96
C ILE B 295 0.06 14.26 -10.46
N ASP B 296 0.52 14.31 -11.72
CA ASP B 296 0.79 15.57 -12.43
C ASP B 296 -0.43 16.49 -12.47
N ALA B 297 -0.19 17.79 -12.29
CA ALA B 297 -1.29 18.75 -12.30
C ALA B 297 -2.07 18.84 -13.63
N ASP B 298 -1.44 18.47 -14.76
CA ASP B 298 -2.08 18.42 -16.06
C ASP B 298 -2.60 17.01 -16.46
N HIS B 299 -2.61 16.05 -15.55
CA HIS B 299 -3.14 14.75 -15.90
C HIS B 299 -4.63 14.88 -16.32
N PRO B 300 -5.02 14.19 -17.42
CA PRO B 300 -6.38 14.22 -17.98
C PRO B 300 -7.50 13.67 -17.05
N ASP B 301 -7.12 12.96 -15.97
CA ASP B 301 -8.05 12.21 -15.11
C ASP B 301 -8.36 12.88 -13.75
N ILE B 302 -8.04 14.17 -13.62
CA ILE B 302 -8.56 15.01 -12.51
C ILE B 302 -9.42 16.16 -13.07
N HIS B 303 -10.43 16.54 -12.30
CA HIS B 303 -11.49 17.45 -12.80
C HIS B 303 -12.05 18.31 -11.66
N PRO B 304 -12.57 19.49 -12.01
CA PRO B 304 -13.29 20.28 -11.00
C PRO B 304 -14.50 19.56 -10.41
N ALA B 305 -14.82 19.87 -9.16
CA ALA B 305 -16.15 19.57 -8.59
C ALA B 305 -17.24 20.01 -9.59
N GLY B 306 -18.21 19.13 -9.82
CA GLY B 306 -19.29 19.35 -10.80
C GLY B 306 -19.10 18.69 -12.17
N TRP B 307 -17.86 18.26 -12.49
CA TRP B 307 -17.56 17.69 -13.78
C TRP B 307 -18.40 16.46 -14.06
N CYS B 308 -18.45 15.52 -13.11
CA CYS B 308 -19.29 14.30 -13.32
C CYS B 308 -20.77 14.66 -13.58
N SER B 309 -21.32 15.48 -12.68
CA SER B 309 -22.70 15.93 -12.75
C SER B 309 -23.01 16.66 -14.06
N LYS B 310 -22.15 17.60 -14.46
CA LYS B 310 -22.41 18.33 -15.72
C LYS B 310 -22.18 17.47 -16.98
N THR B 311 -21.34 16.43 -16.88
CA THR B 311 -21.09 15.57 -18.07
C THR B 311 -21.94 14.27 -18.14
N GLY B 312 -22.63 13.95 -17.07
CA GLY B 312 -23.45 12.73 -17.02
C GLY B 312 -22.71 11.46 -16.58
N HIS B 313 -21.61 11.59 -15.81
CA HIS B 313 -20.86 10.45 -15.32
C HIS B 313 -21.23 10.25 -13.83
N PRO B 314 -21.48 9.00 -13.38
CA PRO B 314 -21.73 8.88 -11.91
C PRO B 314 -20.49 9.30 -11.09
N LEU B 315 -20.73 9.98 -9.96
CA LEU B 315 -19.66 10.28 -8.99
C LEU B 315 -19.83 9.37 -7.75
N GLN B 316 -18.73 8.75 -7.32
CA GLN B 316 -18.77 7.90 -6.12
C GLN B 316 -18.61 8.79 -4.92
N PRO B 317 -19.58 8.73 -3.98
CA PRO B 317 -19.46 9.61 -2.79
C PRO B 317 -18.35 9.08 -1.84
N PRO B 318 -17.96 9.83 -0.79
CA PRO B 318 -16.98 9.24 0.17
C PRO B 318 -17.52 7.93 0.73
N LEU B 319 -16.62 6.98 1.02
CA LEU B 319 -17.01 5.70 1.65
C LEU B 319 -17.71 5.96 2.94
N GLY B 320 -18.86 5.31 3.11
CA GLY B 320 -19.70 5.56 4.28
C GLY B 320 -19.18 4.95 5.58
N PRO B 321 -19.61 5.51 6.72
CA PRO B 321 -19.27 5.11 8.11
C PRO B 321 -19.43 3.60 8.45
N ARG B 322 -20.40 2.95 7.83
N ARG B 322 -20.42 2.94 7.87
CA ARG B 322 -20.77 1.56 8.10
CA ARG B 322 -20.68 1.52 8.15
C ARG B 322 -20.24 0.62 7.02
C ARG B 322 -20.38 0.67 6.92
N GLU B 323 -19.48 1.15 6.07
CA GLU B 323 -18.98 0.40 4.92
C GLU B 323 -18.23 -0.86 5.39
N TRP C 7 20.31 9.52 8.87
CA TRP C 7 19.62 10.47 9.83
C TRP C 7 19.77 9.96 11.25
N SER C 8 20.06 10.88 12.17
CA SER C 8 20.09 10.57 13.60
C SER C 8 19.66 11.79 14.43
N TRP C 9 19.09 11.56 15.62
CA TRP C 9 18.66 12.67 16.48
C TRP C 9 19.89 13.43 16.98
N GLU C 10 20.96 12.70 17.30
CA GLU C 10 22.20 13.25 17.86
C GLU C 10 22.78 14.29 16.91
N SER C 11 22.94 13.90 15.64
CA SER C 11 23.36 14.83 14.61
C SER C 11 22.33 15.92 14.31
N TYR C 12 21.02 15.60 14.33
CA TYR C 12 19.99 16.63 14.07
C TYR C 12 19.98 17.83 15.05
N LEU C 13 20.13 17.50 16.33
CA LEU C 13 20.21 18.41 17.43
C LEU C 13 21.47 19.28 17.36
N GLU C 14 22.58 18.69 16.88
CA GLU C 14 23.80 19.47 16.62
C GLU C 14 23.48 20.52 15.52
N GLU C 15 23.01 20.09 14.36
CA GLU C 15 22.68 21.00 13.24
C GLU C 15 21.69 22.13 13.57
N GLN C 16 20.75 21.82 14.45
CA GLN C 16 19.64 22.72 14.81
C GLN C 16 19.91 23.47 16.11
N LYS C 17 20.97 23.07 16.83
CA LYS C 17 21.31 23.61 18.16
C LYS C 17 20.10 23.53 19.11
N ALA C 18 19.52 22.32 19.18
CA ALA C 18 18.23 22.12 19.83
C ALA C 18 18.33 21.07 20.90
N ILE C 19 17.31 21.02 21.75
CA ILE C 19 17.21 20.01 22.81
C ILE C 19 15.94 19.13 22.58
N THR C 20 15.98 17.89 23.06
CA THR C 20 14.78 17.06 22.97
C THR C 20 13.99 17.25 24.26
N ALA C 21 12.68 17.03 24.25
CA ALA C 21 11.99 16.95 25.55
C ALA C 21 12.56 15.75 26.34
N PRO C 22 13.04 15.97 27.60
CA PRO C 22 13.56 14.84 28.40
C PRO C 22 12.50 13.78 28.64
N VAL C 23 12.93 12.54 28.76
CA VAL C 23 12.03 11.39 29.05
C VAL C 23 11.14 11.57 30.31
N SER C 24 11.69 12.21 31.34
CA SER C 24 10.97 12.50 32.58
C SER C 24 9.77 13.46 32.46
N LEU C 25 9.67 14.20 31.35
CA LEU C 25 8.49 15.03 31.06
C LEU C 25 7.24 14.25 30.62
N PHE C 26 7.44 12.99 30.27
CA PHE C 26 6.39 12.13 29.72
C PHE C 26 5.79 11.17 30.75
N GLN C 27 4.53 10.85 30.58
CA GLN C 27 3.93 9.74 31.26
C GLN C 27 4.76 8.49 30.95
N ASP C 28 4.93 7.64 31.96
CA ASP C 28 5.59 6.34 31.76
C ASP C 28 5.10 5.53 30.52
N SER C 29 3.78 5.44 30.32
CA SER C 29 3.20 4.71 29.17
C SER C 29 3.58 5.32 27.77
N GLN C 30 3.82 6.64 27.73
CA GLN C 30 4.31 7.27 26.51
C GLN C 30 5.81 6.99 26.20
N ALA C 31 6.62 6.70 27.23
CA ALA C 31 8.09 6.58 27.09
C ALA C 31 8.61 5.16 26.91
N VAL C 32 7.90 4.18 27.48
CA VAL C 32 8.47 2.85 27.62
C VAL C 32 8.77 2.24 26.23
N THR C 33 10.00 1.78 26.09
CA THR C 33 10.49 1.18 24.84
C THR C 33 10.83 -0.30 24.98
N HIS C 34 10.99 -0.77 26.20
CA HIS C 34 11.56 -2.09 26.44
C HIS C 34 10.57 -3.22 26.40
N ASN C 35 9.27 -2.92 26.30
CA ASN C 35 8.25 -3.98 26.28
C ASN C 35 8.15 -4.61 24.92
N LYS C 36 8.14 -5.92 24.82
CA LYS C 36 7.88 -6.53 23.51
C LYS C 36 6.39 -6.30 23.07
N ASN C 37 6.18 -6.15 21.78
CA ASN C 37 4.85 -6.19 21.19
C ASN C 37 4.47 -7.64 20.85
N GLY C 38 3.63 -8.25 21.69
CA GLY C 38 3.20 -9.63 21.46
C GLY C 38 2.03 -9.87 20.52
N PHE C 39 1.42 -8.79 20.04
CA PHE C 39 0.35 -8.88 19.08
C PHE C 39 0.82 -9.43 17.75
N LYS C 40 0.06 -10.37 17.19
CA LYS C 40 0.39 -11.00 15.94
C LYS C 40 -0.75 -10.86 14.94
N LEU C 41 -0.40 -10.83 13.66
CA LEU C 41 -1.38 -10.71 12.55
C LEU C 41 -2.52 -11.73 12.68
N GLY C 42 -3.77 -11.24 12.59
CA GLY C 42 -4.93 -12.13 12.58
C GLY C 42 -5.42 -12.52 13.97
N MET C 43 -4.76 -12.04 15.03
CA MET C 43 -5.27 -12.31 16.37
C MET C 43 -6.58 -11.52 16.54
N LYS C 44 -7.54 -12.10 17.24
CA LYS C 44 -8.86 -11.46 17.44
C LYS C 44 -8.95 -10.93 18.87
N LEU C 45 -9.64 -9.81 19.03
CA LEU C 45 -9.84 -9.18 20.32
C LEU C 45 -11.10 -8.26 20.31
N GLU C 46 -11.20 -7.47 21.36
CA GLU C 46 -12.33 -6.52 21.63
C GLU C 46 -11.72 -5.15 21.89
N GLY C 47 -12.43 -4.08 21.52
CA GLY C 47 -11.92 -2.73 21.77
C GLY C 47 -12.94 -1.68 21.36
N ILE C 48 -12.76 -0.48 21.91
CA ILE C 48 -13.62 0.62 21.62
C ILE C 48 -13.40 1.12 20.22
N ASP C 49 -14.49 1.62 19.63
CA ASP C 49 -14.42 2.45 18.44
C ASP C 49 -13.89 3.83 18.82
N PRO C 50 -12.70 4.22 18.34
CA PRO C 50 -12.21 5.57 18.65
C PRO C 50 -13.27 6.72 18.33
N GLN C 51 -14.12 6.52 17.34
CA GLN C 51 -15.15 7.51 16.94
C GLN C 51 -16.44 7.45 17.74
N HIS C 52 -16.65 6.32 18.42
CA HIS C 52 -17.78 6.11 19.37
C HIS C 52 -17.24 5.44 20.65
N PRO C 53 -16.58 6.23 21.54
CA PRO C 53 -15.85 5.75 22.76
C PRO C 53 -16.58 4.88 23.76
N SER C 54 -17.90 4.83 23.68
CA SER C 54 -18.68 3.96 24.58
C SER C 54 -19.00 2.59 24.02
N MET C 55 -18.66 2.37 22.75
CA MET C 55 -19.12 1.19 22.03
C MET C 55 -17.97 0.21 21.79
N TYR C 56 -18.26 -1.09 21.90
CA TYR C 56 -17.22 -2.11 21.82
C TYR C 56 -17.49 -3.01 20.61
N PHE C 57 -16.40 -3.34 19.90
CA PHE C 57 -16.38 -4.12 18.64
C PHE C 57 -15.39 -5.27 18.67
N ILE C 58 -15.62 -6.25 17.79
CA ILE C 58 -14.71 -7.37 17.55
C ILE C 58 -13.68 -6.86 16.55
N LEU C 59 -12.39 -6.97 16.92
CA LEU C 59 -11.24 -6.46 16.15
C LEU C 59 -10.23 -7.56 15.82
N THR C 60 -9.59 -7.41 14.67
CA THR C 60 -8.49 -8.24 14.26
C THR C 60 -7.23 -7.39 14.06
N VAL C 61 -6.11 -7.93 14.47
CA VAL C 61 -4.78 -7.37 14.14
C VAL C 61 -4.53 -7.46 12.64
N ALA C 62 -4.61 -6.31 11.96
CA ALA C 62 -4.40 -6.22 10.52
C ALA C 62 -2.91 -6.02 10.21
N GLU C 63 -2.17 -5.35 11.09
CA GLU C 63 -0.76 -4.95 10.80
C GLU C 63 -0.11 -4.68 12.13
N VAL C 64 1.20 -4.90 12.23
CA VAL C 64 2.00 -4.54 13.41
C VAL C 64 3.22 -3.78 12.94
N CYS C 65 3.52 -2.66 13.62
CA CYS C 65 4.73 -1.88 13.35
C CYS C 65 5.37 -1.41 14.68
N GLY C 66 6.49 -1.99 15.09
CA GLY C 66 7.10 -1.62 16.41
C GLY C 66 6.17 -1.97 17.55
N TYR C 67 5.95 -1.00 18.43
CA TYR C 67 5.04 -1.09 19.55
C TYR C 67 3.61 -0.61 19.21
N ARG C 68 3.27 -0.58 17.90
CA ARG C 68 1.97 -0.19 17.45
C ARG C 68 1.33 -1.30 16.65
N LEU C 69 0.01 -1.23 16.54
CA LEU C 69 -0.76 -2.16 15.72
C LEU C 69 -1.95 -1.45 15.08
N ARG C 70 -2.31 -1.93 13.89
CA ARG C 70 -3.48 -1.53 13.13
C ARG C 70 -4.58 -2.63 13.38
N LEU C 71 -5.73 -2.15 13.83
CA LEU C 71 -6.89 -2.97 14.16
C LEU C 71 -7.98 -2.84 13.11
N HIS C 72 -8.62 -3.95 12.79
CA HIS C 72 -9.65 -4.00 11.78
C HIS C 72 -11.01 -4.38 12.38
N PHE C 73 -12.10 -3.71 11.98
CA PHE C 73 -13.45 -4.08 12.51
C PHE C 73 -14.00 -5.26 11.73
N ASP C 74 -14.09 -6.44 12.34
CA ASP C 74 -14.49 -7.64 11.58
C ASP C 74 -15.82 -7.41 10.83
N GLY C 75 -15.87 -7.75 9.53
CA GLY C 75 -17.10 -7.60 8.72
C GLY C 75 -17.20 -6.30 7.93
N TYR C 76 -16.59 -5.24 8.47
CA TYR C 76 -16.51 -3.91 7.83
C TYR C 76 -15.31 -3.72 6.90
N SER C 77 -15.29 -2.58 6.21
CA SER C 77 -14.24 -2.22 5.30
C SER C 77 -12.92 -1.92 6.06
N GLU C 78 -11.81 -2.33 5.46
CA GLU C 78 -10.44 -1.87 5.78
C GLU C 78 -10.30 -0.34 5.96
N CYS C 79 -11.18 0.46 5.32
CA CYS C 79 -11.14 1.94 5.37
C CYS C 79 -11.30 2.51 6.79
N HIS C 80 -11.90 1.71 7.69
CA HIS C 80 -12.09 2.11 9.08
C HIS C 80 -10.94 1.69 10.04
N ASP C 81 -9.87 1.04 9.54
CA ASP C 81 -8.84 0.45 10.42
C ASP C 81 -8.18 1.63 11.14
N PHE C 82 -7.79 1.41 12.38
CA PHE C 82 -7.13 2.43 13.22
C PHE C 82 -5.92 1.90 13.96
N TRP C 83 -5.04 2.81 14.38
CA TRP C 83 -3.80 2.46 15.06
C TRP C 83 -3.90 2.73 16.58
N VAL C 84 -3.37 1.80 17.36
CA VAL C 84 -3.12 1.96 18.79
C VAL C 84 -1.74 1.48 19.15
N ASN C 85 -1.34 1.83 20.36
CA ASN C 85 -0.10 1.28 20.88
C ASN C 85 -0.42 -0.06 21.58
N ALA C 86 0.58 -0.90 21.69
CA ALA C 86 0.40 -2.22 22.31
C ALA C 86 0.04 -2.14 23.82
N ASN C 87 0.39 -1.03 24.48
CA ASN C 87 -0.04 -0.81 25.87
C ASN C 87 -1.35 0.04 25.98
N SER C 88 -2.11 0.12 24.89
CA SER C 88 -3.43 0.75 24.90
C SER C 88 -4.41 0.17 25.97
N PRO C 89 -5.06 1.05 26.78
CA PRO C 89 -6.08 0.59 27.71
C PRO C 89 -7.47 0.40 27.04
N ASP C 90 -7.57 0.69 25.76
CA ASP C 90 -8.82 0.79 25.02
C ASP C 90 -9.12 -0.49 24.25
N ILE C 91 -8.35 -1.54 24.50
CA ILE C 91 -8.60 -2.83 23.88
C ILE C 91 -8.59 -3.88 25.03
N HIS C 92 -9.23 -5.03 24.80
CA HIS C 92 -9.43 -6.06 25.84
C HIS C 92 -9.46 -7.46 25.21
N PRO C 93 -9.09 -8.50 25.99
CA PRO C 93 -9.18 -9.86 25.45
C PRO C 93 -10.61 -10.32 25.11
N ALA C 94 -10.70 -11.22 24.14
CA ALA C 94 -11.91 -11.95 23.80
C ALA C 94 -12.55 -12.52 25.08
N GLY C 95 -13.85 -12.23 25.24
CA GLY C 95 -14.66 -12.68 26.40
C GLY C 95 -14.80 -11.58 27.44
N TRP C 96 -14.02 -10.51 27.28
CA TRP C 96 -14.04 -9.43 28.26
C TRP C 96 -15.41 -8.79 28.42
N PHE C 97 -16.11 -8.50 27.31
CA PHE C 97 -17.39 -7.78 27.36
C PHE C 97 -18.35 -8.54 28.29
N GLU C 98 -18.45 -9.86 28.16
CA GLU C 98 -19.41 -10.67 28.92
C GLU C 98 -19.06 -10.78 30.42
N LYS C 99 -17.78 -10.71 30.75
CA LYS C 99 -17.30 -10.87 32.17
C LYS C 99 -17.35 -9.55 32.95
N THR C 100 -17.65 -8.45 32.26
CA THR C 100 -17.47 -7.11 32.87
C THR C 100 -18.67 -6.11 32.66
N GLY C 101 -19.77 -6.58 32.01
CA GLY C 101 -20.99 -5.81 31.84
C GLY C 101 -21.00 -4.85 30.67
N HIS C 102 -20.28 -5.21 29.60
CA HIS C 102 -20.18 -4.34 28.39
C HIS C 102 -20.90 -4.97 27.20
N LYS C 103 -21.53 -4.12 26.40
CA LYS C 103 -22.18 -4.57 25.16
C LYS C 103 -21.18 -4.73 23.99
N LEU C 104 -21.24 -5.88 23.30
CA LEU C 104 -20.37 -6.09 22.16
C LEU C 104 -21.15 -6.07 20.86
N GLN C 105 -20.73 -5.20 19.95
CA GLN C 105 -21.32 -5.13 18.63
C GLN C 105 -20.90 -6.40 17.87
N PRO C 106 -21.84 -7.02 17.12
CA PRO C 106 -21.52 -8.16 16.26
C PRO C 106 -20.59 -7.78 15.09
N PRO C 107 -19.91 -8.78 14.48
CA PRO C 107 -19.25 -8.48 13.22
C PRO C 107 -20.34 -8.02 12.24
N LYS C 108 -19.98 -7.15 11.30
CA LYS C 108 -21.00 -6.66 10.35
C LYS C 108 -21.70 -7.83 9.66
N GLY C 109 -23.04 -7.81 9.75
CA GLY C 109 -23.91 -8.79 9.09
C GLY C 109 -23.93 -10.18 9.69
N TYR C 110 -23.38 -10.33 10.90
CA TYR C 110 -23.28 -11.64 11.56
C TYR C 110 -24.56 -12.54 11.59
N GLU C 114 -27.41 -13.87 18.99
CA GLU C 114 -26.43 -13.87 20.07
C GLU C 114 -25.04 -14.34 19.55
N PHE C 115 -24.01 -13.54 19.86
CA PHE C 115 -22.61 -13.84 19.49
C PHE C 115 -21.90 -14.68 20.58
N SER C 116 -21.26 -15.77 20.15
CA SER C 116 -20.37 -16.55 21.05
C SER C 116 -18.91 -16.60 20.53
N TRP C 117 -17.95 -16.23 21.39
CA TRP C 117 -16.54 -16.38 21.06
C TRP C 117 -16.14 -17.80 20.73
N SER C 118 -16.60 -18.80 21.47
CA SER C 118 -16.21 -20.18 21.18
C SER C 118 -16.69 -20.62 19.78
N GLN C 119 -17.95 -20.31 19.44
CA GLN C 119 -18.52 -20.57 18.10
C GLN C 119 -17.82 -19.78 16.98
N TYR C 120 -17.49 -18.53 17.26
CA TYR C 120 -16.87 -17.66 16.25
C TYR C 120 -15.45 -18.13 15.95
N LEU C 121 -14.75 -18.58 16.97
CA LEU C 121 -13.37 -19.04 16.83
C LEU C 121 -13.33 -20.39 16.10
N ARG C 122 -14.37 -21.19 16.32
CA ARG C 122 -14.53 -22.46 15.65
C ARG C 122 -14.83 -22.22 14.16
N SER C 123 -15.73 -21.26 13.86
CA SER C 123 -16.01 -20.90 12.46
C SER C 123 -14.77 -20.39 11.74
N THR C 124 -14.06 -19.47 12.39
CA THR C 124 -12.97 -18.70 11.76
C THR C 124 -11.65 -19.40 11.82
N ARG C 125 -11.55 -20.37 12.75
CA ARG C 125 -10.29 -20.99 13.20
C ARG C 125 -9.20 -19.95 13.54
N ALA C 126 -9.62 -18.81 14.09
CA ALA C 126 -8.68 -17.80 14.47
C ALA C 126 -8.23 -18.04 15.89
N GLN C 127 -7.17 -17.33 16.26
CA GLN C 127 -6.66 -17.29 17.63
C GLN C 127 -7.10 -15.96 18.28
N ALA C 128 -7.65 -16.04 19.49
CA ALA C 128 -7.77 -14.86 20.33
C ALA C 128 -6.38 -14.41 20.89
N ALA C 129 -6.10 -13.10 20.77
CA ALA C 129 -4.90 -12.53 21.39
C ALA C 129 -4.86 -12.96 22.89
N PRO C 130 -3.73 -13.52 23.38
CA PRO C 130 -3.62 -13.94 24.81
C PRO C 130 -3.90 -12.77 25.75
N LYS C 131 -4.61 -13.08 26.82
CA LYS C 131 -4.95 -12.13 27.90
C LYS C 131 -3.74 -11.34 28.43
N HIS C 132 -2.58 -11.99 28.53
CA HIS C 132 -1.43 -11.37 29.19
C HIS C 132 -0.89 -10.14 28.42
N LEU C 133 -1.24 -10.04 27.13
CA LEU C 133 -0.87 -8.86 26.30
C LEU C 133 -1.51 -7.54 26.73
N PHE C 134 -2.62 -7.63 27.44
CA PHE C 134 -3.51 -6.50 27.71
C PHE C 134 -3.25 -5.78 29.06
N VAL C 135 -2.98 -4.48 28.99
CA VAL C 135 -2.81 -3.69 30.25
C VAL C 135 -4.15 -3.52 31.01
N SER C 136 -5.25 -3.56 30.24
CA SER C 136 -6.59 -3.36 30.80
C SER C 136 -7.52 -4.58 30.63
N GLN C 137 -7.77 -5.26 31.74
CA GLN C 137 -8.73 -6.37 31.75
C GLN C 137 -9.85 -6.21 32.80
N SER C 138 -9.99 -5.00 33.34
CA SER C 138 -10.88 -4.69 34.46
C SER C 138 -10.55 -5.43 35.77
N HIS C 139 -9.26 -5.61 36.03
CA HIS C 139 -8.79 -6.34 37.18
C HIS C 139 -8.23 -5.45 38.25
N SER C 140 -7.78 -4.26 37.83
CA SER C 140 -7.13 -3.32 38.75
C SER C 140 -8.16 -2.41 39.49
N PRO C 141 -7.75 -1.77 40.63
CA PRO C 141 -8.57 -0.81 41.40
C PRO C 141 -9.17 0.38 40.64
N PRO C 142 -10.46 0.61 40.86
CA PRO C 142 -11.24 1.64 40.18
C PRO C 142 -10.77 3.08 40.46
N PRO C 143 -11.24 4.05 39.66
CA PRO C 143 -11.02 5.46 40.03
C PRO C 143 -11.78 5.75 41.35
N LEU C 144 -11.03 5.87 42.45
CA LEU C 144 -11.61 6.22 43.75
C LEU C 144 -12.66 7.32 43.62
N GLY C 145 -13.92 6.97 43.91
CA GLY C 145 -14.99 7.95 43.98
C GLY C 145 -15.93 8.06 42.78
N PHE C 146 -15.54 7.49 41.64
CA PHE C 146 -16.33 7.62 40.41
C PHE C 146 -17.06 6.32 40.15
N GLN C 147 -18.35 6.28 40.48
CA GLN C 147 -19.17 5.09 40.22
C GLN C 147 -20.02 5.31 38.98
N VAL C 148 -20.26 4.24 38.22
CA VAL C 148 -21.26 4.30 37.16
C VAL C 148 -22.56 4.91 37.72
N GLY C 149 -23.14 5.81 36.93
CA GLY C 149 -24.41 6.45 37.26
C GLY C 149 -24.23 7.77 37.96
N MET C 150 -23.07 8.00 38.58
CA MET C 150 -22.85 9.30 39.24
C MET C 150 -22.72 10.42 38.21
N LYS C 151 -22.98 11.65 38.65
CA LYS C 151 -23.03 12.83 37.78
C LYS C 151 -22.03 13.90 38.19
N LEU C 152 -21.75 14.82 37.27
CA LEU C 152 -20.69 15.82 37.43
C LEU C 152 -20.82 16.84 36.30
N GLU C 153 -19.86 17.77 36.26
CA GLU C 153 -19.83 18.83 35.22
C GLU C 153 -18.57 18.64 34.40
N ALA C 154 -18.69 18.69 33.07
CA ALA C 154 -17.56 18.33 32.21
C ALA C 154 -17.41 19.29 31.04
N VAL C 155 -16.19 19.64 30.69
CA VAL C 155 -15.95 20.42 29.47
C VAL C 155 -16.26 19.55 28.20
N ASP C 156 -17.08 20.09 27.28
CA ASP C 156 -17.32 19.46 25.98
C ASP C 156 -16.04 19.73 25.17
N ARG C 157 -15.27 18.66 24.91
CA ARG C 157 -13.96 18.78 24.25
C ARG C 157 -14.05 19.23 22.80
N MET C 158 -15.20 19.01 22.18
CA MET C 158 -15.45 19.49 20.80
C MET C 158 -15.77 20.96 20.82
N ASN C 159 -16.40 21.41 21.92
CA ASN C 159 -16.89 22.78 22.08
C ASN C 159 -16.49 23.34 23.44
N PRO C 160 -15.19 23.67 23.59
CA PRO C 160 -14.54 23.85 24.90
C PRO C 160 -14.99 25.03 25.77
N SER C 161 -15.89 25.86 25.25
CA SER C 161 -16.54 26.95 26.01
C SER C 161 -17.79 26.47 26.74
N LEU C 162 -18.18 25.23 26.50
CA LEU C 162 -19.30 24.58 27.20
C LEU C 162 -18.82 23.65 28.30
N VAL C 163 -19.22 23.96 29.53
CA VAL C 163 -19.10 23.06 30.67
C VAL C 163 -20.52 22.63 30.90
N CYS C 164 -20.72 21.30 31.02
CA CYS C 164 -22.02 20.65 30.78
C CYS C 164 -22.40 19.58 31.81
N VAL C 165 -23.71 19.43 32.02
CA VAL C 165 -24.26 18.26 32.77
C VAL C 165 -23.78 16.89 32.18
N ALA C 166 -23.12 16.08 33.01
CA ALA C 166 -22.40 14.90 32.56
C ALA C 166 -22.61 13.71 33.54
N SER C 167 -22.52 12.50 33.02
CA SER C 167 -22.64 11.26 33.78
C SER C 167 -21.43 10.33 33.53
N VAL C 168 -21.13 9.49 34.53
CA VAL C 168 -20.20 8.40 34.39
C VAL C 168 -21.04 7.21 33.89
N THR C 169 -20.65 6.67 32.73
CA THR C 169 -21.43 5.62 32.10
C THR C 169 -20.67 4.32 31.96
N ASP C 170 -19.39 4.35 32.29
CA ASP C 170 -18.50 3.19 32.12
C ASP C 170 -17.29 3.38 33.06
N VAL C 171 -16.87 2.30 33.73
CA VAL C 171 -15.68 2.26 34.56
C VAL C 171 -14.83 1.04 34.18
N VAL C 172 -13.59 1.30 33.77
CA VAL C 172 -12.63 0.24 33.38
C VAL C 172 -11.29 0.56 34.01
N ASP C 173 -10.85 -0.32 34.90
CA ASP C 173 -9.60 -0.15 35.62
C ASP C 173 -9.54 1.22 36.25
N SER C 174 -8.53 2.02 35.92
CA SER C 174 -8.38 3.28 36.62
C SER C 174 -9.07 4.43 35.90
N ARG C 175 -9.82 4.10 34.85
CA ARG C 175 -10.52 5.10 34.06
C ARG C 175 -12.05 4.98 34.07
N PHE C 176 -12.70 6.09 33.75
CA PHE C 176 -14.16 6.16 33.58
C PHE C 176 -14.52 6.97 32.31
N LEU C 177 -15.69 6.69 31.76
CA LEU C 177 -16.22 7.39 30.58
C LEU C 177 -17.18 8.50 31.03
N VAL C 178 -16.85 9.73 30.65
CA VAL C 178 -17.80 10.84 30.73
C VAL C 178 -18.74 10.94 29.53
N HIS C 179 -20.05 10.93 29.84
CA HIS C 179 -21.12 11.05 28.86
C HIS C 179 -21.93 12.34 29.08
N PHE C 180 -22.28 13.04 27.98
CA PHE C 180 -23.12 14.25 28.07
C PHE C 180 -24.59 13.92 28.01
N ASP C 181 -25.30 14.18 29.10
CA ASP C 181 -26.73 13.75 29.25
C ASP C 181 -27.63 14.15 28.06
N ASN C 182 -28.32 13.16 27.50
CA ASN C 182 -29.24 13.30 26.35
C ASN C 182 -28.60 13.75 25.02
N TRP C 183 -27.31 13.48 24.90
CA TRP C 183 -26.57 13.60 23.64
C TRP C 183 -26.23 12.18 23.24
N ASP C 184 -25.69 12.02 22.03
CA ASP C 184 -25.19 10.70 21.66
C ASP C 184 -23.78 10.58 22.22
N ASP C 185 -23.17 9.40 22.05
CA ASP C 185 -21.89 9.09 22.67
C ASP C 185 -20.73 9.72 21.92
N THR C 186 -21.07 10.45 20.86
CA THR C 186 -20.10 11.02 19.95
C THR C 186 -19.16 11.99 20.69
N TYR C 187 -19.70 12.56 21.76
CA TYR C 187 -18.99 13.55 22.59
C TYR C 187 -18.29 12.99 23.84
N ASP C 188 -18.62 11.72 24.16
CA ASP C 188 -18.01 10.97 25.25
C ASP C 188 -16.47 10.99 25.22
N TYR C 189 -15.86 10.94 26.40
CA TYR C 189 -14.42 10.68 26.48
C TYR C 189 -14.02 9.99 27.79
N TRP C 190 -12.96 9.18 27.68
CA TRP C 190 -12.33 8.53 28.82
C TRP C 190 -11.35 9.47 29.49
N CYS C 191 -11.37 9.43 30.82
CA CYS C 191 -10.38 10.10 31.64
C CYS C 191 -10.21 9.44 32.97
N ASP C 192 -9.37 10.05 33.78
CA ASP C 192 -9.14 9.63 35.15
C ASP C 192 -9.48 10.79 36.12
N PRO C 193 -9.46 10.51 37.45
CA PRO C 193 -9.74 11.50 38.50
C PRO C 193 -9.01 12.82 38.39
N SER C 194 -7.85 12.84 37.75
CA SER C 194 -7.05 14.09 37.61
C SER C 194 -7.27 14.89 36.33
N SER C 195 -8.20 14.44 35.48
CA SER C 195 -8.50 15.14 34.24
C SER C 195 -8.81 16.63 34.51
N PRO C 196 -8.13 17.56 33.77
CA PRO C 196 -8.54 18.98 33.84
C PRO C 196 -9.93 19.36 33.27
N TYR C 197 -10.66 18.43 32.66
CA TYR C 197 -11.89 18.76 31.93
C TYR C 197 -13.17 18.45 32.74
N ILE C 198 -12.97 17.89 33.93
CA ILE C 198 -14.10 17.48 34.77
C ILE C 198 -14.13 18.27 36.06
N HIS C 199 -15.33 18.49 36.59
CA HIS C 199 -15.50 19.23 37.85
C HIS C 199 -16.67 18.64 38.59
N PRO C 200 -16.77 18.92 39.92
CA PRO C 200 -17.98 18.49 40.61
C PRO C 200 -19.23 19.29 40.25
N VAL C 201 -20.38 18.62 40.35
CA VAL C 201 -21.70 19.27 40.42
C VAL C 201 -21.60 20.51 41.34
N GLY C 202 -22.04 21.67 40.83
CA GLY C 202 -21.97 22.88 41.62
C GLY C 202 -20.82 23.80 41.21
N TRP C 203 -19.88 23.28 40.42
CA TRP C 203 -18.66 24.02 40.07
C TRP C 203 -18.91 25.31 39.25
N CYS C 204 -19.79 25.24 38.25
CA CYS C 204 -20.08 26.38 37.37
C CYS C 204 -20.63 27.56 38.18
N GLN C 205 -21.58 27.24 39.05
CA GLN C 205 -22.28 28.18 39.93
C GLN C 205 -21.35 28.96 40.89
N LYS C 206 -20.47 28.20 41.55
CA LYS C 206 -19.38 28.74 42.36
C LYS C 206 -18.40 29.63 41.55
N GLN C 207 -18.22 29.34 40.25
CA GLN C 207 -17.30 30.13 39.39
C GLN C 207 -17.98 31.34 38.72
N GLY C 208 -19.31 31.29 38.60
CA GLY C 208 -20.08 32.30 37.85
C GLY C 208 -20.12 32.01 36.35
N LYS C 209 -19.78 30.76 35.98
CA LYS C 209 -19.73 30.31 34.58
C LYS C 209 -21.08 29.71 34.20
N PRO C 210 -21.57 29.95 32.96
CA PRO C 210 -22.77 29.26 32.46
C PRO C 210 -22.63 27.71 32.39
N LEU C 211 -23.55 27.01 33.03
CA LEU C 211 -23.65 25.55 32.92
C LEU C 211 -24.64 25.15 31.81
N THR C 212 -24.19 24.26 30.92
CA THR C 212 -25.02 23.81 29.82
C THR C 212 -25.78 22.57 30.30
N PRO C 213 -27.13 22.65 30.35
CA PRO C 213 -27.88 21.45 30.81
C PRO C 213 -28.14 20.40 29.70
N PRO C 214 -28.77 19.25 30.06
CA PRO C 214 -29.01 18.15 29.10
C PRO C 214 -29.80 18.61 27.88
N GLN C 215 -29.45 18.11 26.69
CA GLN C 215 -30.18 18.49 25.46
C GLN C 215 -31.71 18.47 25.65
N ASP C 216 -32.35 19.59 25.33
CA ASP C 216 -33.82 19.70 25.30
C ASP C 216 -34.49 19.69 26.68
N TYR C 217 -33.71 19.92 27.74
CA TYR C 217 -34.13 19.70 29.14
C TYR C 217 -35.57 20.20 29.50
N PHE C 223 -32.35 25.33 34.91
CA PHE C 223 -31.94 23.98 35.35
C PHE C 223 -31.39 23.99 36.78
N CYS C 224 -31.69 22.93 37.51
CA CYS C 224 -31.38 22.83 38.93
C CYS C 224 -30.79 21.44 39.23
N TRP C 225 -29.51 21.43 39.63
CA TRP C 225 -28.78 20.21 39.99
C TRP C 225 -29.53 19.33 40.99
N GLU C 226 -30.06 19.99 42.03
CA GLU C 226 -30.75 19.35 43.15
C GLU C 226 -31.99 18.55 42.67
N LYS C 227 -32.85 19.21 41.88
CA LYS C 227 -34.05 18.60 41.30
C LYS C 227 -33.66 17.45 40.37
N TYR C 228 -32.69 17.75 39.50
CA TYR C 228 -32.17 16.81 38.51
C TYR C 228 -31.68 15.49 39.10
N LEU C 229 -30.86 15.56 40.16
CA LEU C 229 -30.31 14.35 40.79
C LEU C 229 -31.41 13.50 41.43
N GLU C 230 -32.30 14.19 42.16
CA GLU C 230 -33.47 13.60 42.76
C GLU C 230 -34.37 12.91 41.74
N GLU C 231 -34.75 13.62 40.67
CA GLU C 231 -35.63 13.04 39.66
C GLU C 231 -35.00 11.83 38.93
N THR C 232 -33.67 11.86 38.75
CA THR C 232 -32.95 10.75 38.09
C THR C 232 -32.43 9.64 39.03
N GLY C 233 -32.75 9.75 40.33
CA GLY C 233 -32.22 8.84 41.34
C GLY C 233 -30.71 8.71 41.33
N ALA C 234 -30.02 9.83 41.04
CA ALA C 234 -28.55 9.76 40.87
C ALA C 234 -27.84 10.57 41.96
N SER C 235 -26.59 10.20 42.21
CA SER C 235 -25.69 10.91 43.15
C SER C 235 -24.67 11.74 42.39
N ALA C 236 -24.27 12.88 42.92
CA ALA C 236 -23.07 13.55 42.39
C ALA C 236 -21.80 12.75 42.79
N VAL C 237 -20.80 12.73 41.91
CA VAL C 237 -19.45 12.24 42.28
C VAL C 237 -18.96 13.11 43.44
N PRO C 238 -18.49 12.49 44.55
CA PRO C 238 -18.02 13.30 45.70
C PRO C 238 -16.90 14.29 45.29
N THR C 239 -16.90 15.48 45.90
CA THR C 239 -15.94 16.52 45.54
C THR C 239 -14.48 16.12 45.80
N TRP C 240 -14.26 15.36 46.89
CA TRP C 240 -12.91 14.92 47.25
C TRP C 240 -12.27 14.07 46.16
N ALA C 241 -13.12 13.42 45.36
CA ALA C 241 -12.72 12.51 44.28
C ALA C 241 -11.92 13.18 43.16
N PHE C 242 -12.20 14.47 42.94
CA PHE C 242 -11.57 15.21 41.83
C PHE C 242 -10.17 15.64 42.24
N LYS C 243 -9.16 15.18 41.50
CA LYS C 243 -7.77 15.53 41.80
C LYS C 243 -7.10 16.48 40.80
N VAL C 244 -6.35 17.43 41.29
CA VAL C 244 -5.59 18.38 40.43
C VAL C 244 -4.42 17.70 39.71
N ARG C 245 -4.46 17.66 38.39
CA ARG C 245 -3.29 17.30 37.58
C ARG C 245 -2.30 18.47 37.61
N PRO C 246 -1.01 18.22 37.93
CA PRO C 246 -0.06 19.35 37.77
C PRO C 246 0.10 19.75 36.31
N PRO C 247 0.49 21.01 36.04
CA PRO C 247 0.69 21.33 34.65
C PRO C 247 1.87 20.52 34.12
N HIS C 248 1.90 20.30 32.80
CA HIS C 248 3.06 19.65 32.20
C HIS C 248 4.22 20.68 32.17
N SER C 249 5.42 20.17 31.94
CA SER C 249 6.64 21.00 31.94
C SER C 249 7.35 21.06 30.59
N PHE C 250 6.64 20.72 29.50
CA PHE C 250 7.21 20.93 28.16
C PHE C 250 7.43 22.41 27.86
N LEU C 251 8.63 22.74 27.39
CA LEU C 251 8.96 24.11 26.96
C LEU C 251 8.92 24.29 25.45
N VAL C 252 8.54 25.50 25.00
CA VAL C 252 8.54 25.81 23.54
C VAL C 252 9.91 25.46 22.94
N ASN C 253 9.92 24.81 21.77
CA ASN C 253 11.17 24.45 21.05
C ASN C 253 11.79 23.09 21.34
N MET C 254 11.37 22.44 22.43
CA MET C 254 11.76 21.04 22.66
C MET C 254 11.30 20.12 21.50
N LYS C 255 12.14 19.15 21.17
CA LYS C 255 11.88 18.17 20.11
C LYS C 255 11.43 16.82 20.69
N LEU C 256 10.60 16.11 19.93
CA LEU C 256 10.02 14.84 20.33
C LEU C 256 9.55 14.08 19.06
N GLU C 257 8.77 13.01 19.26
CA GLU C 257 8.18 12.24 18.14
C GLU C 257 6.68 12.25 18.28
N ALA C 258 6.02 12.48 17.16
CA ALA C 258 4.56 12.59 17.10
C ALA C 258 3.97 11.85 15.90
N VAL C 259 2.91 11.11 16.19
CA VAL C 259 2.05 10.54 15.16
C VAL C 259 1.44 11.64 14.31
N ASP C 260 1.51 11.44 12.99
CA ASP C 260 0.81 12.28 12.02
C ASP C 260 -0.71 12.05 12.13
N ARG C 261 -1.45 13.06 12.61
CA ARG C 261 -2.90 13.01 12.78
C ARG C 261 -3.60 12.62 11.50
N ARG C 262 -3.07 13.09 10.39
CA ARG C 262 -3.67 12.81 9.13
C ARG C 262 -3.49 11.34 8.70
N ASN C 263 -2.23 10.92 8.61
CA ASN C 263 -1.87 9.56 8.24
C ASN C 263 -1.22 8.88 9.46
N PRO C 264 -2.05 8.29 10.36
CA PRO C 264 -1.53 7.82 11.66
C PRO C 264 -0.61 6.60 11.58
N ALA C 265 -0.47 6.00 10.41
CA ALA C 265 0.66 5.06 10.12
C ALA C 265 2.06 5.66 10.39
N LEU C 266 2.19 6.98 10.32
CA LEU C 266 3.51 7.64 10.31
C LEU C 266 3.71 8.43 11.55
N ILE C 267 4.96 8.41 12.02
CA ILE C 267 5.41 9.17 13.18
C ILE C 267 6.57 10.01 12.65
N ARG C 268 6.54 11.30 12.99
CA ARG C 268 7.46 12.29 12.46
C ARG C 268 8.24 13.00 13.56
N VAL C 269 9.40 13.53 13.20
CA VAL C 269 10.19 14.43 14.06
C VAL C 269 9.30 15.67 14.30
N ALA C 270 9.15 16.09 15.58
CA ALA C 270 8.24 17.17 15.91
C ALA C 270 8.85 18.14 16.93
N SER C 271 8.23 19.31 17.07
CA SER C 271 8.71 20.35 18.03
C SER C 271 7.51 20.97 18.72
N VAL C 272 7.72 21.41 19.96
CA VAL C 272 6.73 22.15 20.69
C VAL C 272 6.69 23.59 20.14
N GLU C 273 5.59 23.94 19.46
CA GLU C 273 5.33 25.27 18.91
C GLU C 273 4.76 26.23 19.96
N ASP C 274 4.05 25.70 20.96
CA ASP C 274 3.39 26.55 21.96
C ASP C 274 2.84 25.67 23.07
N VAL C 275 2.53 26.29 24.23
CA VAL C 275 2.15 25.56 25.44
C VAL C 275 0.99 26.17 26.19
N GLU C 276 0.20 25.31 26.84
CA GLU C 276 -0.86 25.69 27.80
C GLU C 276 -0.59 24.87 29.04
N ASP C 277 -1.38 25.04 30.08
CA ASP C 277 -1.29 24.20 31.30
C ASP C 277 -1.27 22.68 31.03
N HIS C 278 -2.17 22.22 30.17
CA HIS C 278 -2.35 20.77 30.01
C HIS C 278 -2.28 20.30 28.54
N ARG C 279 -1.81 21.21 27.68
CA ARG C 279 -1.78 21.01 26.23
C ARG C 279 -0.50 21.57 25.60
N ILE C 280 -0.06 20.91 24.53
CA ILE C 280 1.12 21.27 23.74
C ILE C 280 0.63 21.44 22.30
N LYS C 281 1.21 22.40 21.61
CA LYS C 281 0.98 22.60 20.19
C LYS C 281 2.19 22.02 19.44
N ILE C 282 1.91 21.01 18.62
CA ILE C 282 2.95 20.30 17.88
C ILE C 282 3.16 20.90 16.48
N HIS C 283 4.44 21.05 16.13
CA HIS C 283 4.86 21.45 14.79
C HIS C 283 5.67 20.31 14.19
N PHE C 284 5.31 19.92 12.97
CA PHE C 284 6.12 18.95 12.22
C PHE C 284 7.27 19.59 11.47
N ASP C 285 8.49 19.27 11.93
CA ASP C 285 9.70 19.89 11.43
C ASP C 285 9.78 19.82 9.90
N GLY C 286 10.00 20.97 9.29
CA GLY C 286 10.20 21.03 7.84
C GLY C 286 8.93 21.24 7.03
N TRP C 287 7.78 20.99 7.66
CA TRP C 287 6.45 21.16 7.08
C TRP C 287 5.88 22.52 7.44
N SER C 288 4.86 22.94 6.70
CA SER C 288 4.13 24.21 6.96
C SER C 288 3.53 24.21 8.39
N HIS C 289 3.47 25.41 8.98
CA HIS C 289 2.82 25.60 10.26
C HIS C 289 1.30 25.50 10.17
N GLY C 290 0.77 25.54 8.94
CA GLY C 290 -0.65 25.16 8.75
C GLY C 290 -1.06 23.79 9.31
N TYR C 291 -0.08 22.89 9.45
CA TYR C 291 -0.30 21.57 10.02
C TYR C 291 -0.14 21.45 11.51
N ASP C 292 0.27 22.53 12.19
CA ASP C 292 0.44 22.50 13.63
C ASP C 292 -0.90 22.26 14.31
N PHE C 293 -0.89 21.47 15.38
CA PHE C 293 -2.11 21.10 16.07
C PHE C 293 -1.84 21.03 17.60
N TRP C 294 -2.91 21.27 18.35
CA TRP C 294 -2.90 21.18 19.80
C TRP C 294 -3.26 19.77 20.25
N ILE C 295 -2.55 19.26 21.25
CA ILE C 295 -2.83 17.90 21.74
C ILE C 295 -2.66 17.92 23.27
N ASP C 296 -3.44 17.09 23.96
CA ASP C 296 -3.31 17.00 25.42
C ASP C 296 -1.93 16.42 25.71
N ALA C 297 -1.26 16.93 26.76
CA ALA C 297 0.08 16.47 27.17
C ALA C 297 0.20 14.99 27.53
N ASP C 298 -0.92 14.37 27.95
CA ASP C 298 -1.01 12.92 28.18
C ASP C 298 -1.50 12.01 27.00
N HIS C 299 -1.69 12.60 25.81
CA HIS C 299 -2.11 11.84 24.61
C HIS C 299 -1.13 10.67 24.30
N PRO C 300 -1.67 9.47 24.04
CA PRO C 300 -0.81 8.29 23.78
C PRO C 300 0.09 8.35 22.52
N ASP C 301 -0.18 9.28 21.60
CA ASP C 301 0.52 9.40 20.31
C ASP C 301 1.60 10.48 20.21
N ILE C 302 2.12 10.86 21.37
CA ILE C 302 3.37 11.66 21.45
C ILE C 302 4.38 10.90 22.30
N HIS C 303 5.66 11.01 21.92
CA HIS C 303 6.72 10.15 22.47
C HIS C 303 8.06 10.85 22.54
N PRO C 304 8.95 10.41 23.45
CA PRO C 304 10.25 11.06 23.42
C PRO C 304 11.07 10.64 22.20
N ALA C 305 11.97 11.52 21.80
CA ALA C 305 13.03 11.23 20.86
C ALA C 305 13.70 9.93 21.26
N GLY C 306 13.86 9.06 20.25
CA GLY C 306 14.40 7.73 20.43
C GLY C 306 13.35 6.62 20.45
N TRP C 307 12.07 6.98 20.65
CA TRP C 307 10.95 6.01 20.82
C TRP C 307 10.79 5.12 19.58
N CYS C 308 10.82 5.73 18.39
CA CYS C 308 10.72 4.98 17.14
C CYS C 308 11.85 3.95 16.93
N SER C 309 13.08 4.41 17.10
CA SER C 309 14.25 3.60 16.90
C SER C 309 14.32 2.37 17.89
N LYS C 310 14.03 2.67 19.15
CA LYS C 310 14.05 1.67 20.20
C LYS C 310 12.93 0.62 20.14
N THR C 311 11.83 0.97 19.48
CA THR C 311 10.62 0.12 19.41
C THR C 311 10.53 -0.62 18.07
N GLY C 312 11.39 -0.24 17.14
CA GLY C 312 11.36 -0.76 15.79
C GLY C 312 10.30 -0.19 14.86
N HIS C 313 9.94 1.09 15.04
CA HIS C 313 8.99 1.80 14.16
C HIS C 313 9.79 2.77 13.29
N PRO C 314 9.55 2.83 11.96
CA PRO C 314 10.22 3.92 11.21
C PRO C 314 9.85 5.31 11.72
N LEU C 315 10.82 6.21 11.77
CA LEU C 315 10.59 7.62 12.02
C LEU C 315 10.77 8.43 10.70
N GLN C 316 9.84 9.34 10.44
CA GLN C 316 9.95 10.21 9.24
C GLN C 316 10.79 11.42 9.63
N PRO C 317 11.87 11.68 8.88
CA PRO C 317 12.77 12.78 9.15
C PRO C 317 12.07 14.09 8.73
N PRO C 318 12.57 15.26 9.18
CA PRO C 318 12.01 16.54 8.72
C PRO C 318 11.87 16.59 7.18
N LEU C 319 10.87 17.33 6.70
CA LEU C 319 10.63 17.40 5.26
C LEU C 319 11.78 18.23 4.63
N GLY C 320 12.37 17.75 3.55
CA GLY C 320 13.48 18.47 2.93
C GLY C 320 13.05 19.42 1.81
S SO4 D . 15.83 -32.69 13.89
O1 SO4 D . 14.54 -32.61 14.59
O2 SO4 D . 16.10 -34.00 13.31
O3 SO4 D . 15.84 -31.77 12.78
O4 SO4 D . 16.80 -32.41 14.95
S SO4 E . 20.05 -32.68 -24.96
O1 SO4 E . 20.27 -31.23 -24.79
O2 SO4 E . 18.89 -32.92 -25.82
O3 SO4 E . 21.31 -33.12 -25.58
O4 SO4 E . 19.84 -33.45 -23.73
O1 MES F . -6.71 -27.09 0.46
C2 MES F . -5.47 -27.75 0.61
C3 MES F . -5.57 -29.25 0.28
N4 MES F . -6.60 -29.53 -0.73
C5 MES F . -7.70 -28.63 -1.10
C6 MES F . -7.29 -27.16 -0.86
C7 MES F . -6.72 -30.91 -1.32
C8 MES F . -5.61 -31.89 -0.97
S MES F . -5.99 -33.42 -1.61
O1S MES F . -7.34 -33.80 -1.16
O2S MES F . -6.11 -33.29 -3.07
O3S MES F . -4.85 -34.30 -1.31
O1 MES G . 18.39 -33.83 -13.56
C2 MES G . 17.75 -33.81 -12.26
C3 MES G . 18.42 -34.74 -11.24
N4 MES G . 19.85 -34.97 -11.50
C5 MES G . 20.54 -34.56 -12.72
C6 MES G . 19.78 -33.56 -13.60
C7 MES G . 20.65 -35.72 -10.49
C8 MES G . 21.27 -34.74 -9.47
S MES G . 22.50 -35.30 -8.46
O1S MES G . 23.48 -34.18 -8.43
O2S MES G . 21.94 -35.62 -7.11
O3S MES G . 23.15 -36.56 -8.98
S SO4 H . -4.90 -11.56 -25.56
O1 SO4 H . -5.51 -10.28 -25.34
O2 SO4 H . -4.95 -12.34 -24.34
O3 SO4 H . -5.60 -12.30 -26.61
O4 SO4 H . -3.52 -11.33 -26.00
S SO4 I . -11.31 11.87 5.05
O1 SO4 I . -12.10 12.79 4.22
O2 SO4 I . -12.16 11.33 6.10
O3 SO4 I . -10.86 10.72 4.28
O4 SO4 I . -10.22 12.65 5.63
O1 MES J . 15.22 4.51 -19.35
C2 MES J . 15.98 5.21 -18.36
C3 MES J . 16.34 4.44 -17.09
N4 MES J . 15.35 3.40 -16.82
C5 MES J . 14.37 2.86 -17.78
C6 MES J . 14.05 3.88 -18.88
C7 MES J . 15.53 2.81 -15.49
C8 MES J . 14.69 1.59 -15.22
S MES J . 15.33 0.72 -13.93
O1S MES J . 14.39 -0.31 -13.47
O2S MES J . 16.62 0.10 -14.42
O3S MES J . 15.64 1.67 -12.83
S SO4 K . 11.20 23.84 10.91
O1 SO4 K . 11.07 25.21 11.46
O2 SO4 K . 9.86 23.41 10.56
O3 SO4 K . 12.08 23.87 9.73
O4 SO4 K . 11.78 23.00 11.97
O1 MES L . -17.61 -0.12 12.97
C2 MES L . -16.93 0.09 11.75
C3 MES L . -17.05 1.58 11.48
N4 MES L . -17.81 2.15 12.60
C5 MES L . -19.17 1.72 12.90
C6 MES L . -19.00 0.22 12.92
C7 MES L . -17.22 3.15 13.47
C8 MES L . -17.05 4.44 12.69
S MES L . -15.43 4.62 12.32
O1S MES L . -15.25 6.04 11.87
O2S MES L . -14.57 4.31 13.51
O3S MES L . -15.07 3.70 11.19
O1 MES M . 1.31 17.41 8.87
C2 MES M . 2.54 16.79 8.50
C3 MES M . 2.31 16.14 7.15
N4 MES M . 0.94 15.63 6.94
C5 MES M . -0.20 15.85 7.83
C6 MES M . 0.24 16.52 9.15
C7 MES M . 0.75 14.95 5.64
C8 MES M . -0.26 13.78 5.62
S MES M . 0.15 12.61 4.46
O1S MES M . -1.00 11.69 4.30
O2S MES M . 0.52 13.31 3.18
O3S MES M . 1.34 11.87 4.97
O1 MES N . 21.23 13.22 10.72
C2 MES N . 22.34 13.28 9.82
C3 MES N . 21.93 13.80 8.44
N4 MES N . 21.17 15.04 8.63
C5 MES N . 20.13 15.15 9.65
C6 MES N . 20.64 14.50 10.95
C7 MES N . 21.46 16.19 7.78
C8 MES N . 20.19 16.51 6.98
S MES N . 20.45 17.51 5.66
O1S MES N . 19.45 18.62 5.69
O2S MES N . 21.84 18.06 5.66
O3S MES N . 20.24 16.69 4.44
#